data_3EW2
#
_entry.id   3EW2
#
_cell.length_a   45.654
_cell.length_b   130.035
_cell.length_c   237.555
_cell.angle_alpha   90.00
_cell.angle_beta   90.00
_cell.angle_gamma   90.00
#
_symmetry.space_group_name_H-M   'C 2 2 21'
#
loop_
_entity.id
_entity.type
_entity.pdbx_description
1 polymer rhizavidin
2 non-polymer BIOTIN
3 water water
#
_entity_poly.entity_id   1
_entity_poly.type   'polypeptide(L)'
_entity_poly.pdbx_seq_one_letter_code
;FDASNFKDFSSIASASSSWQNQSGSTMIIQVDSFGNVSGQYVNRAQGTGCQNSPYPLTGRVNGTFIAFSVGWNNSTENCN
SATGWTGYAQVNGNNTEIVTSWNLAYEGGSGPAIEQGQDTFQYVPTTENKSLLKD
;
_entity_poly.pdbx_strand_id   A,B,C,D,E,F,G
#
loop_
_chem_comp.id
_chem_comp.type
_chem_comp.name
_chem_comp.formula
BTN non-polymer BIOTIN 'C10 H16 N2 O3 S'
#
# COMPACT_ATOMS: atom_id res chain seq x y z
N ALA A 15 -15.67 7.26 5.31
CA ALA A 15 -14.50 6.60 4.61
C ALA A 15 -14.83 6.17 3.20
N SER A 16 -15.97 5.49 3.01
CA SER A 16 -16.35 4.97 1.70
C SER A 16 -17.67 5.58 1.21
N SER A 17 -17.70 6.01 -0.06
CA SER A 17 -18.86 6.74 -0.56
C SER A 17 -19.01 6.74 -2.08
N SER A 18 -20.27 6.84 -2.51
CA SER A 18 -20.65 6.71 -3.91
C SER A 18 -21.24 8.02 -4.43
N TRP A 19 -21.03 8.24 -5.72
CA TRP A 19 -21.32 9.51 -6.35
C TRP A 19 -21.74 9.28 -7.79
N GLN A 20 -22.63 10.13 -8.28
CA GLN A 20 -23.10 10.11 -9.67
C GLN A 20 -23.02 11.54 -10.14
N ASN A 21 -22.51 11.74 -11.36
CA ASN A 21 -22.47 13.11 -11.95
C ASN A 21 -23.63 13.29 -12.94
N GLN A 22 -23.76 14.53 -13.44
CA GLN A 22 -24.83 14.91 -14.34
C GLN A 22 -24.92 13.99 -15.57
N SER A 23 -23.85 13.27 -15.88
CA SER A 23 -23.84 12.44 -17.10
C SER A 23 -24.29 11.03 -16.85
N GLY A 24 -24.61 10.70 -15.60
CA GLY A 24 -24.92 9.31 -15.23
C GLY A 24 -23.70 8.45 -14.89
N SER A 25 -22.50 9.06 -14.90
CA SER A 25 -21.27 8.36 -14.52
C SER A 25 -21.20 8.18 -13.01
N THR A 26 -20.54 7.12 -12.58
CA THR A 26 -20.60 6.67 -11.20
C THR A 26 -19.21 6.39 -10.66
N MET A 27 -18.97 6.74 -9.40
CA MET A 27 -17.74 6.32 -8.71
C MET A 27 -17.96 5.94 -7.25
N ILE A 28 -17.02 5.15 -6.76
CA ILE A 28 -16.96 4.74 -5.38
C ILE A 28 -15.58 5.19 -4.96
N ILE A 29 -15.49 5.89 -3.82
CA ILE A 29 -14.21 6.31 -3.26
C ILE A 29 -14.02 5.99 -1.76
N GLN A 30 -12.82 5.51 -1.45
CA GLN A 30 -12.32 5.40 -0.07
C GLN A 30 -11.24 6.48 0.06
N VAL A 31 -11.32 7.19 1.17
CA VAL A 31 -10.32 8.09 1.68
C VAL A 31 -9.61 7.37 2.80
N ASP A 32 -8.30 7.18 2.70
CA ASP A 32 -7.58 6.52 3.78
C ASP A 32 -7.06 7.52 4.88
N SER A 33 -6.22 7.01 5.78
CA SER A 33 -5.78 7.79 6.92
C SER A 33 -4.62 8.72 6.56
N PHE A 34 -4.11 8.60 5.33
CA PHE A 34 -3.05 9.49 4.85
C PHE A 34 -3.52 10.55 3.86
N GLY A 35 -4.83 10.66 3.65
CA GLY A 35 -5.42 11.54 2.64
C GLY A 35 -5.41 11.03 1.21
N ASN A 36 -5.08 9.75 1.00
CA ASN A 36 -5.24 9.12 -0.33
C ASN A 36 -6.69 8.78 -0.73
N VAL A 37 -6.99 8.82 -2.03
CA VAL A 37 -8.31 8.44 -2.53
C VAL A 37 -8.10 7.25 -3.43
N SER A 38 -8.96 6.26 -3.29
CA SER A 38 -8.85 5.08 -4.05
C SER A 38 -10.25 4.60 -4.38
N GLY A 39 -10.40 3.94 -5.53
CA GLY A 39 -11.68 3.42 -5.93
C GLY A 39 -11.74 3.11 -7.40
N GLN A 40 -12.96 3.10 -7.94
CA GLN A 40 -13.15 2.85 -9.35
C GLN A 40 -14.17 3.79 -9.89
N TYR A 41 -14.15 3.98 -11.20
CA TYR A 41 -15.00 4.96 -11.87
C TYR A 41 -15.71 4.23 -13.00
N VAL A 42 -17.01 4.42 -13.12
CA VAL A 42 -17.72 3.79 -14.22
C VAL A 42 -18.27 4.89 -15.10
N ASN A 43 -17.82 4.91 -16.36
CA ASN A 43 -18.16 6.00 -17.26
C ASN A 43 -19.47 5.75 -18.02
N ARG A 44 -20.43 6.67 -17.91
CA ARG A 44 -21.66 6.57 -18.70
C ARG A 44 -21.99 7.81 -19.58
N ALA A 45 -20.98 8.67 -19.85
CA ALA A 45 -21.24 9.93 -20.60
C ALA A 45 -21.41 9.63 -22.06
N GLN A 46 -22.52 10.09 -22.64
CA GLN A 46 -22.83 9.76 -24.05
C GLN A 46 -21.78 10.31 -25.01
N GLY A 47 -21.43 9.51 -26.00
CA GLY A 47 -20.44 9.96 -26.94
C GLY A 47 -19.01 9.64 -26.63
N THR A 48 -18.72 9.09 -25.45
CA THR A 48 -17.31 8.80 -25.06
C THR A 48 -16.94 7.32 -25.15
N GLY A 49 -15.65 7.02 -25.07
CA GLY A 49 -15.22 5.61 -25.13
C GLY A 49 -15.30 5.11 -23.71
N CYS A 50 -14.98 3.83 -23.51
CA CYS A 50 -14.82 3.27 -22.15
C CYS A 50 -16.03 3.43 -21.23
N GLN A 51 -17.21 3.06 -21.73
CA GLN A 51 -18.43 3.16 -20.93
C GLN A 51 -18.74 1.82 -20.24
N ASN A 52 -19.40 1.88 -19.09
CA ASN A 52 -19.89 0.63 -18.42
C ASN A 52 -18.86 -0.46 -18.10
N SER A 53 -17.76 -0.03 -17.50
CA SER A 53 -16.64 -0.88 -17.24
C SER A 53 -15.80 -0.20 -16.15
N PRO A 54 -15.50 -0.91 -15.05
CA PRO A 54 -14.73 -0.29 -13.96
C PRO A 54 -13.27 0.11 -14.34
N TYR A 55 -12.91 1.37 -14.04
CA TYR A 55 -11.53 1.91 -14.17
C TYR A 55 -10.97 2.36 -12.82
N PRO A 56 -9.67 2.07 -12.60
CA PRO A 56 -8.99 2.52 -11.39
C PRO A 56 -8.97 3.99 -11.22
N LEU A 57 -9.15 4.42 -9.99
CA LEU A 57 -9.22 5.81 -9.63
C LEU A 57 -8.19 6.00 -8.52
N THR A 58 -7.38 7.06 -8.60
CA THR A 58 -6.54 7.48 -7.47
C THR A 58 -6.54 8.99 -7.34
N GLY A 59 -6.36 9.49 -6.12
CA GLY A 59 -6.43 10.90 -5.87
C GLY A 59 -5.91 11.33 -4.51
N ARG A 60 -6.14 12.59 -4.18
CA ARG A 60 -5.74 13.13 -2.89
C ARG A 60 -6.84 14.04 -2.39
N VAL A 61 -6.98 14.16 -1.08
CA VAL A 61 -7.95 15.06 -0.47
C VAL A 61 -7.24 16.02 0.46
N ASN A 62 -7.82 17.20 0.62
CA ASN A 62 -7.27 18.19 1.54
C ASN A 62 -8.44 18.93 2.10
N GLY A 63 -8.86 18.60 3.31
CA GLY A 63 -10.01 19.29 3.88
C GLY A 63 -11.22 19.07 2.98
N THR A 64 -11.78 20.16 2.49
CA THR A 64 -12.96 19.99 1.68
C THR A 64 -12.70 19.91 0.17
N PHE A 65 -11.42 19.84 -0.24
CA PHE A 65 -10.97 19.91 -1.64
C PHE A 65 -10.38 18.57 -2.05
N ILE A 66 -10.32 18.28 -3.35
CA ILE A 66 -9.96 16.95 -3.82
C ILE A 66 -9.55 17.02 -5.27
N ALA A 67 -8.62 16.16 -5.65
CA ALA A 67 -8.29 15.92 -7.02
C ALA A 67 -8.16 14.40 -7.23
N PHE A 68 -8.67 13.91 -8.34
CA PHE A 68 -8.49 12.48 -8.64
C PHE A 68 -8.20 12.24 -10.12
N SER A 69 -7.67 11.05 -10.45
CA SER A 69 -7.07 10.76 -11.75
C SER A 69 -7.57 9.37 -12.19
N VAL A 70 -7.80 9.19 -13.49
CA VAL A 70 -8.08 7.87 -14.04
C VAL A 70 -7.35 7.75 -15.34
N GLY A 71 -6.66 6.63 -15.55
CA GLY A 71 -6.26 6.24 -16.87
C GLY A 71 -7.29 5.27 -17.48
N TRP A 72 -7.74 5.55 -18.69
CA TRP A 72 -8.82 4.77 -19.32
C TRP A 72 -8.25 3.57 -20.00
N ASN A 73 -7.74 2.69 -19.16
CA ASN A 73 -7.22 1.44 -19.61
C ASN A 73 -7.63 0.32 -18.64
N ASN A 74 -8.37 -0.67 -19.14
CA ASN A 74 -8.53 -1.91 -18.37
C ASN A 74 -8.48 -3.27 -19.07
N SER A 75 -8.07 -3.36 -20.32
CA SER A 75 -7.91 -4.77 -20.83
C SER A 75 -9.21 -5.47 -21.27
N THR A 76 -10.32 -4.86 -20.89
CA THR A 76 -11.59 -4.94 -21.60
C THR A 76 -11.69 -3.83 -22.68
N GLU A 77 -11.39 -2.59 -22.31
CA GLU A 77 -11.33 -1.48 -23.24
C GLU A 77 -10.22 -0.52 -22.84
N ASN A 78 -9.29 -0.27 -23.77
CA ASN A 78 -8.31 0.82 -23.64
C ASN A 78 -8.61 2.00 -24.55
N CYS A 79 -8.82 3.16 -23.97
CA CYS A 79 -9.21 4.34 -24.73
C CYS A 79 -8.01 5.25 -25.04
N ASN A 80 -6.85 4.92 -24.47
CA ASN A 80 -5.57 5.58 -24.76
C ASN A 80 -5.66 7.04 -24.38
N SER A 81 -5.74 7.27 -23.08
CA SER A 81 -6.61 8.33 -22.60
C SER A 81 -6.37 8.45 -21.11
N ALA A 82 -6.49 9.65 -20.53
CA ALA A 82 -6.55 9.78 -19.09
C ALA A 82 -7.26 11.04 -18.69
N THR A 83 -7.91 11.08 -17.52
CA THR A 83 -8.67 12.26 -17.10
C THR A 83 -8.33 12.62 -15.64
N GLY A 84 -8.22 13.90 -15.33
CA GLY A 84 -8.09 14.33 -13.97
C GLY A 84 -9.18 15.34 -13.63
N TRP A 85 -9.65 15.25 -12.40
CA TRP A 85 -10.76 16.06 -11.91
C TRP A 85 -10.22 16.81 -10.72
N THR A 86 -10.70 18.03 -10.49
CA THR A 86 -10.33 18.79 -9.31
C THR A 86 -11.51 19.58 -8.87
N GLY A 87 -11.85 19.49 -7.58
CA GLY A 87 -12.89 20.34 -7.10
C GLY A 87 -13.00 20.40 -5.60
N TYR A 88 -14.20 20.69 -5.15
CA TYR A 88 -14.46 20.80 -3.73
C TYR A 88 -15.82 20.19 -3.44
N ALA A 89 -15.98 19.59 -2.26
CA ALA A 89 -17.29 19.19 -1.79
C ALA A 89 -18.03 20.39 -1.25
N GLN A 90 -19.34 20.47 -1.49
CA GLN A 90 -20.16 21.39 -0.70
C GLN A 90 -21.50 20.83 -0.26
N VAL A 91 -21.91 21.25 0.94
CA VAL A 91 -23.08 20.71 1.64
C VAL A 91 -24.29 21.59 1.33
N ASN A 92 -25.07 21.18 0.32
CA ASN A 92 -26.24 21.91 -0.12
C ASN A 92 -27.53 21.48 0.61
N GLY A 93 -27.50 21.55 1.95
CA GLY A 93 -28.60 21.13 2.80
C GLY A 93 -28.63 19.63 3.02
N ASN A 94 -29.56 18.97 2.33
CA ASN A 94 -29.60 17.51 2.29
C ASN A 94 -28.58 16.96 1.31
N ASN A 95 -28.30 17.78 0.29
CA ASN A 95 -27.38 17.43 -0.78
C ASN A 95 -25.93 17.63 -0.34
N THR A 96 -25.09 16.64 -0.64
CA THR A 96 -23.68 16.96 -0.81
C THR A 96 -23.18 16.66 -2.21
N GLU A 97 -22.37 17.60 -2.69
CA GLU A 97 -21.95 17.65 -4.06
C GLU A 97 -20.46 17.73 -4.10
N ILE A 98 -19.91 17.15 -5.17
CA ILE A 98 -18.58 17.55 -5.59
C ILE A 98 -18.60 18.31 -6.92
N VAL A 99 -18.25 19.59 -6.87
CA VAL A 99 -18.15 20.47 -8.06
C VAL A 99 -16.74 20.31 -8.62
N THR A 100 -16.61 19.86 -9.87
CA THR A 100 -15.29 19.64 -10.46
C THR A 100 -15.03 20.36 -11.82
N SER A 101 -13.75 20.57 -12.14
CA SER A 101 -13.38 20.77 -13.56
C SER A 101 -12.51 19.59 -13.89
N TRP A 102 -12.45 19.25 -15.16
CA TRP A 102 -11.70 18.10 -15.59
C TRP A 102 -11.02 18.36 -16.90
N ASN A 103 -9.94 17.62 -17.13
CA ASN A 103 -9.29 17.60 -18.40
C ASN A 103 -9.20 16.18 -18.79
N LEU A 104 -9.27 15.95 -20.08
CA LEU A 104 -9.18 14.64 -20.63
C LEU A 104 -8.13 14.74 -21.71
N ALA A 105 -7.04 14.00 -21.53
CA ALA A 105 -5.95 14.08 -22.48
C ALA A 105 -6.04 12.77 -23.25
N TYR A 106 -5.93 12.82 -24.55
CA TYR A 106 -6.23 11.64 -25.37
C TYR A 106 -5.55 11.80 -26.70
N GLU A 107 -5.48 10.73 -27.45
CA GLU A 107 -5.06 10.78 -28.83
C GLU A 107 -6.22 11.28 -29.71
N GLY A 108 -6.06 12.46 -30.30
CA GLY A 108 -7.01 13.00 -31.24
C GLY A 108 -6.60 12.68 -32.67
N GLY A 109 -7.23 13.34 -33.64
CA GLY A 109 -6.89 13.04 -35.04
C GLY A 109 -5.67 13.78 -35.54
N SER A 110 -5.32 14.84 -34.84
CA SER A 110 -4.17 15.70 -35.14
C SER A 110 -2.91 15.19 -34.39
N GLY A 111 -3.15 14.41 -33.34
CA GLY A 111 -2.14 13.95 -32.39
C GLY A 111 -2.74 14.05 -30.99
N PRO A 112 -1.89 14.16 -29.95
CA PRO A 112 -2.41 14.22 -28.57
C PRO A 112 -3.13 15.50 -28.33
N ALA A 113 -4.15 15.50 -27.47
CA ALA A 113 -4.92 16.73 -27.22
C ALA A 113 -5.56 16.69 -25.86
N ILE A 114 -6.04 17.86 -25.41
CA ILE A 114 -6.60 17.99 -24.08
C ILE A 114 -7.94 18.74 -24.11
N GLU A 115 -9.02 18.06 -23.69
CA GLU A 115 -10.37 18.63 -23.61
C GLU A 115 -10.76 19.05 -22.18
N GLN A 116 -11.40 20.19 -22.05
CA GLN A 116 -11.81 20.68 -20.73
C GLN A 116 -13.30 20.38 -20.55
N GLY A 117 -13.71 20.26 -19.32
CA GLY A 117 -15.12 20.09 -19.05
C GLY A 117 -15.36 20.21 -17.60
N GLN A 118 -16.60 19.95 -17.22
CA GLN A 118 -16.99 20.05 -15.82
C GLN A 118 -18.01 18.99 -15.49
N ASP A 119 -17.98 18.56 -14.22
CA ASP A 119 -18.84 17.50 -13.66
C ASP A 119 -19.23 17.95 -12.28
N THR A 120 -20.52 17.84 -12.00
CA THR A 120 -20.97 17.90 -10.61
C THR A 120 -21.38 16.47 -10.20
N PHE A 121 -20.81 15.99 -9.11
CA PHE A 121 -21.09 14.64 -8.65
C PHE A 121 -22.08 14.82 -7.48
N GLN A 122 -23.20 14.13 -7.54
CA GLN A 122 -24.12 14.16 -6.39
C GLN A 122 -23.86 12.98 -5.46
N TYR A 123 -23.75 13.24 -4.17
CA TYR A 123 -23.61 12.20 -3.17
C TYR A 123 -24.80 11.22 -3.20
N VAL A 124 -24.49 9.94 -3.31
CA VAL A 124 -25.49 8.89 -3.40
C VAL A 124 -25.58 8.13 -2.07
N PRO A 125 -26.66 8.40 -1.28
CA PRO A 125 -26.87 7.79 0.04
C PRO A 125 -26.81 6.27 0.02
N THR A 126 -27.59 5.62 -0.83
CA THR A 126 -27.69 4.17 -0.80
C THR A 126 -27.98 3.61 -2.19
N THR A 127 -27.25 4.13 -3.16
CA THR A 127 -27.32 3.67 -4.57
C THR A 127 -28.74 3.44 -5.12
N GLU A 128 -29.74 4.10 -4.51
CA GLU A 128 -31.17 3.89 -4.86
C GLU A 128 -31.49 2.43 -5.22
N ASP B 8 6.71 5.67 -24.16
CA ASP B 8 5.79 5.22 -23.08
C ASP B 8 6.27 5.62 -21.71
N PHE B 9 5.34 5.87 -20.79
CA PHE B 9 5.69 6.03 -19.38
C PHE B 9 6.15 4.71 -18.77
N SER B 10 6.00 3.63 -19.53
CA SER B 10 6.63 2.36 -19.17
C SER B 10 8.16 2.53 -19.15
N SER B 11 8.72 3.23 -20.13
CA SER B 11 10.16 3.52 -20.19
C SER B 11 10.63 4.08 -18.86
N ILE B 12 9.68 4.66 -18.12
CA ILE B 12 9.88 5.35 -16.86
C ILE B 12 9.73 4.40 -15.66
N ALA B 13 9.10 3.24 -15.89
CA ALA B 13 8.82 2.23 -14.85
C ALA B 13 10.00 1.86 -13.93
N SER B 14 9.67 1.45 -12.70
CA SER B 14 10.64 0.87 -11.75
C SER B 14 11.94 1.67 -11.54
N ALA B 15 11.83 2.99 -11.68
CA ALA B 15 12.92 3.95 -11.40
C ALA B 15 12.31 5.29 -10.98
N SER B 16 13.00 6.06 -10.17
CA SER B 16 12.58 7.44 -9.97
C SER B 16 13.01 8.24 -11.19
N SER B 17 12.18 9.20 -11.61
CA SER B 17 12.55 10.17 -12.64
C SER B 17 12.09 11.58 -12.24
N SER B 18 12.90 12.58 -12.55
CA SER B 18 12.55 13.99 -12.22
C SER B 18 12.12 14.83 -13.43
N TRP B 19 11.33 15.88 -13.16
CA TRP B 19 10.57 16.67 -14.17
C TRP B 19 10.34 18.05 -13.67
N GLN B 20 10.71 19.09 -14.45
CA GLN B 20 10.51 20.52 -14.01
C GLN B 20 9.64 21.31 -14.98
N ASN B 21 8.83 22.20 -14.46
CA ASN B 21 8.03 22.99 -15.36
C ASN B 21 8.60 24.43 -15.48
N GLN B 22 8.01 25.19 -16.40
CA GLN B 22 8.43 26.55 -16.73
C GLN B 22 8.27 27.53 -15.56
N SER B 23 7.52 27.14 -14.51
CA SER B 23 7.39 28.01 -13.31
C SER B 23 8.42 27.63 -12.25
N GLY B 24 9.26 26.64 -12.57
CA GLY B 24 10.36 26.20 -11.67
C GLY B 24 10.03 25.03 -10.71
N SER B 25 8.79 24.54 -10.80
CA SER B 25 8.36 23.40 -9.95
C SER B 25 8.95 22.11 -10.42
N THR B 26 9.29 21.25 -9.46
CA THR B 26 9.84 19.92 -9.79
C THR B 26 8.97 18.82 -9.15
N MET B 27 8.90 17.69 -9.82
CA MET B 27 8.34 16.52 -9.24
C MET B 27 9.28 15.34 -9.44
N ILE B 28 9.35 14.49 -8.43
CA ILE B 28 9.97 13.22 -8.52
C ILE B 28 8.88 12.13 -8.49
N ILE B 29 8.86 11.30 -9.53
CA ILE B 29 7.80 10.36 -9.77
C ILE B 29 8.32 8.95 -9.98
N GLN B 30 7.56 8.01 -9.40
CA GLN B 30 7.80 6.62 -9.55
C GLN B 30 6.60 6.10 -10.35
N VAL B 31 6.87 5.45 -11.48
CA VAL B 31 5.84 4.77 -12.24
C VAL B 31 6.06 3.26 -12.12
N ASP B 32 5.03 2.50 -11.72
CA ASP B 32 5.20 1.05 -11.60
C ASP B 32 4.64 0.32 -12.79
N SER B 33 4.71 -1.01 -12.77
CA SER B 33 4.18 -1.80 -13.91
C SER B 33 2.65 -1.91 -13.90
N PHE B 34 2.03 -1.50 -12.78
CA PHE B 34 0.58 -1.45 -12.65
C PHE B 34 -0.03 -0.12 -13.11
N GLY B 35 0.83 0.81 -13.52
CA GLY B 35 0.38 2.11 -14.04
C GLY B 35 0.08 3.14 -12.94
N ASN B 36 0.51 2.88 -11.70
CA ASN B 36 0.42 3.86 -10.62
C ASN B 36 1.53 4.90 -10.75
N VAL B 37 1.25 6.12 -10.28
CA VAL B 37 2.25 7.14 -10.19
C VAL B 37 2.24 7.55 -8.75
N SER B 38 3.44 7.55 -8.17
CA SER B 38 3.66 8.04 -6.83
C SER B 38 4.76 9.06 -6.93
N GLY B 39 4.75 10.05 -6.05
CA GLY B 39 5.88 10.93 -6.01
C GLY B 39 5.71 12.07 -5.05
N GLN B 40 6.56 13.07 -5.27
CA GLN B 40 6.70 14.25 -4.44
C GLN B 40 6.77 15.48 -5.33
N TYR B 41 6.10 16.55 -4.93
CA TYR B 41 5.88 17.66 -5.81
C TYR B 41 6.38 18.87 -5.03
N VAL B 42 7.39 19.57 -5.57
CA VAL B 42 7.87 20.81 -4.98
C VAL B 42 7.43 21.95 -5.86
N ASN B 43 6.49 22.72 -5.34
CA ASN B 43 5.94 23.85 -6.05
C ASN B 43 6.89 25.04 -5.84
N ARG B 44 7.14 25.77 -6.93
CA ARG B 44 7.94 26.99 -6.88
C ARG B 44 7.31 28.10 -7.73
N ALA B 45 6.04 27.95 -8.12
CA ALA B 45 5.36 28.97 -8.96
C ALA B 45 5.03 30.24 -8.16
N GLN B 46 5.24 31.40 -8.77
CA GLN B 46 5.05 32.64 -8.00
C GLN B 46 3.56 32.99 -7.86
N GLY B 47 3.21 33.64 -6.77
CA GLY B 47 1.82 34.03 -6.56
C GLY B 47 1.04 32.97 -5.81
N THR B 48 1.71 31.91 -5.38
CA THR B 48 1.02 30.72 -4.84
C THR B 48 1.57 30.41 -3.47
N GLY B 49 0.72 29.86 -2.60
CA GLY B 49 1.23 29.40 -1.29
C GLY B 49 1.97 28.10 -1.50
N CYS B 50 2.36 27.45 -0.40
CA CYS B 50 2.83 26.06 -0.42
C CYS B 50 4.05 25.77 -1.34
N GLN B 51 5.06 26.65 -1.28
CA GLN B 51 6.27 26.57 -2.11
C GLN B 51 7.43 26.01 -1.33
N ASN B 52 8.35 25.35 -2.04
CA ASN B 52 9.61 24.87 -1.41
C ASN B 52 9.53 23.71 -0.43
N SER B 53 8.51 22.87 -0.58
CA SER B 53 8.22 21.85 0.44
C SER B 53 7.55 20.68 -0.26
N PRO B 54 7.95 19.43 0.03
CA PRO B 54 7.44 18.35 -0.85
C PRO B 54 6.03 17.87 -0.46
N TYR B 55 5.18 17.70 -1.48
CA TYR B 55 3.77 17.32 -1.34
C TYR B 55 3.59 16.00 -2.02
N PRO B 56 2.89 15.04 -1.37
CA PRO B 56 2.79 13.78 -2.16
C PRO B 56 1.84 13.89 -3.35
N LEU B 57 2.06 12.99 -4.27
CA LEU B 57 1.33 13.02 -5.45
C LEU B 57 0.99 11.55 -5.85
N THR B 58 -0.14 11.37 -6.52
CA THR B 58 -0.54 10.06 -6.97
C THR B 58 -1.30 10.24 -8.24
N GLY B 59 -1.16 9.33 -9.19
CA GLY B 59 -1.92 9.45 -10.40
C GLY B 59 -1.84 8.18 -11.18
N ARG B 60 -2.14 8.23 -12.46
CA ARG B 60 -2.24 6.99 -13.22
C ARG B 60 -1.64 7.31 -14.52
N VAL B 61 -1.00 6.32 -15.12
CA VAL B 61 -0.51 6.47 -16.50
C VAL B 61 -1.20 5.46 -17.40
N ASN B 62 -1.47 5.87 -18.63
CA ASN B 62 -1.95 4.95 -19.63
C ASN B 62 -1.19 5.21 -20.93
N GLY B 63 -0.19 4.37 -21.19
CA GLY B 63 0.64 4.56 -22.36
C GLY B 63 1.41 5.87 -22.23
N THR B 64 1.05 6.82 -23.08
CA THR B 64 1.73 8.10 -23.14
C THR B 64 0.98 9.16 -22.35
N PHE B 65 -0.17 8.77 -21.78
CA PHE B 65 -1.00 9.73 -21.08
C PHE B 65 -0.86 9.55 -19.60
N ILE B 66 -1.10 10.63 -18.87
CA ILE B 66 -0.94 10.63 -17.42
C ILE B 66 -1.93 11.62 -16.79
N ALA B 67 -2.32 11.36 -15.54
CA ALA B 67 -3.02 12.33 -14.75
C ALA B 67 -2.56 12.14 -13.30
N PHE B 68 -2.31 13.21 -12.58
CA PHE B 68 -1.88 13.05 -11.21
C PHE B 68 -2.43 14.19 -10.37
N SER B 69 -2.30 14.06 -9.07
CA SER B 69 -3.15 14.79 -8.17
C SER B 69 -2.29 15.16 -7.01
N VAL B 70 -2.51 16.33 -6.43
CA VAL B 70 -1.79 16.71 -5.22
C VAL B 70 -2.78 17.43 -4.31
N GLY B 71 -2.82 17.10 -3.03
CA GLY B 71 -3.54 17.95 -2.06
C GLY B 71 -2.56 18.82 -1.35
N TRP B 72 -2.90 20.09 -1.13
CA TRP B 72 -1.91 21.05 -0.67
C TRP B 72 -1.84 21.12 0.86
N ASN B 73 -1.64 19.96 1.46
CA ASN B 73 -1.22 19.86 2.86
C ASN B 73 -0.21 18.75 3.04
N ASN B 74 0.93 19.09 3.63
CA ASN B 74 1.97 18.10 4.01
C ASN B 74 2.43 18.21 5.46
N SER B 75 1.72 19.03 6.24
CA SER B 75 2.10 19.35 7.65
C SER B 75 3.17 20.44 7.84
N THR B 76 3.81 20.88 6.77
CA THR B 76 4.72 22.02 6.83
C THR B 76 3.93 23.24 6.43
N GLU B 77 3.04 23.09 5.46
CA GLU B 77 2.19 24.19 5.05
C GLU B 77 0.93 23.66 4.42
N ASN B 78 -0.19 24.23 4.87
CA ASN B 78 -1.50 23.92 4.33
C ASN B 78 -2.15 25.10 3.60
N CYS B 79 -2.40 24.93 2.32
CA CYS B 79 -3.03 25.99 1.50
C CYS B 79 -4.50 25.76 1.23
N ASN B 80 -5.10 24.80 1.92
CA ASN B 80 -6.52 24.51 1.79
C ASN B 80 -6.99 24.43 0.33
N SER B 81 -6.45 23.46 -0.42
CA SER B 81 -6.61 23.41 -1.85
C SER B 81 -6.08 22.10 -2.39
N ALA B 82 -6.37 21.84 -3.65
CA ALA B 82 -5.88 20.65 -4.31
C ALA B 82 -5.70 20.98 -5.78
N THR B 83 -4.80 20.27 -6.46
CA THR B 83 -4.56 20.47 -7.87
C THR B 83 -4.52 19.12 -8.59
N GLY B 84 -5.16 19.02 -9.76
CA GLY B 84 -4.94 17.89 -10.65
C GLY B 84 -4.44 18.33 -12.02
N TRP B 85 -3.64 17.47 -12.65
CA TRP B 85 -3.01 17.73 -13.89
C TRP B 85 -3.33 16.57 -14.80
N THR B 86 -3.43 16.81 -16.12
CA THR B 86 -3.68 15.76 -17.10
C THR B 86 -2.89 16.17 -18.33
N GLY B 87 -2.19 15.22 -18.93
CA GLY B 87 -1.48 15.57 -20.15
C GLY B 87 -0.90 14.37 -20.80
N TYR B 88 0.11 14.59 -21.61
CA TYR B 88 0.74 13.49 -22.37
C TYR B 88 2.20 13.79 -22.44
N ALA B 89 2.98 12.69 -22.51
CA ALA B 89 4.40 12.75 -22.80
C ALA B 89 4.57 13.00 -24.27
N GLN B 90 5.59 13.78 -24.63
CA GLN B 90 6.04 13.94 -26.02
C GLN B 90 7.52 14.25 -26.06
N VAL B 91 8.11 13.99 -27.21
CA VAL B 91 9.51 14.23 -27.46
C VAL B 91 9.65 15.61 -28.14
N ASN B 92 10.48 16.48 -27.56
CA ASN B 92 10.72 17.86 -28.04
C ASN B 92 12.20 18.13 -28.26
N GLY B 93 12.62 18.25 -29.52
CA GLY B 93 14.06 18.24 -29.85
C GLY B 93 14.41 16.78 -29.66
N ASN B 94 15.39 16.50 -28.80
CA ASN B 94 15.45 15.18 -28.21
C ASN B 94 15.28 15.15 -26.68
N ASN B 95 14.56 16.12 -26.13
CA ASN B 95 14.03 15.94 -24.79
C ASN B 95 12.59 15.41 -24.84
N THR B 96 12.27 14.64 -23.83
CA THR B 96 10.92 14.24 -23.59
C THR B 96 10.34 15.29 -22.60
N GLU B 97 9.12 15.71 -22.86
CA GLU B 97 8.37 16.47 -21.88
C GLU B 97 6.95 15.95 -21.70
N ILE B 98 6.29 16.47 -20.68
CA ILE B 98 4.90 16.17 -20.40
C ILE B 98 4.08 17.45 -20.53
N VAL B 99 3.25 17.50 -21.56
CA VAL B 99 2.34 18.64 -21.74
C VAL B 99 1.02 18.46 -20.92
N THR B 100 0.62 19.46 -20.14
CA THR B 100 -0.48 19.28 -19.21
C THR B 100 -1.41 20.50 -19.13
N SER B 101 -2.69 20.26 -18.94
CA SER B 101 -3.56 21.32 -18.41
C SER B 101 -3.80 20.86 -17.03
N TRP B 102 -4.10 21.81 -16.12
CA TRP B 102 -4.28 21.59 -14.70
C TRP B 102 -5.41 22.45 -14.14
N ASN B 103 -5.99 22.03 -13.01
CA ASN B 103 -6.95 22.87 -12.32
C ASN B 103 -6.55 22.98 -10.91
N LEU B 104 -6.75 24.16 -10.33
CA LEU B 104 -6.44 24.36 -8.94
C LEU B 104 -7.69 24.78 -8.23
N ALA B 105 -8.09 23.95 -7.26
CA ALA B 105 -9.32 24.19 -6.55
C ALA B 105 -8.94 24.71 -5.17
N TYR B 106 -9.44 25.86 -4.80
CA TYR B 106 -9.01 26.45 -3.52
C TYR B 106 -10.07 27.35 -2.94
N GLU B 107 -9.83 27.83 -1.72
CA GLU B 107 -10.75 28.74 -1.07
C GLU B 107 -10.36 30.21 -1.31
N GLY B 108 -11.01 30.82 -2.31
CA GLY B 108 -11.00 32.29 -2.46
C GLY B 108 -11.56 32.99 -1.23
N GLY B 109 -11.74 34.29 -1.34
CA GLY B 109 -12.47 35.08 -0.33
C GLY B 109 -13.87 35.43 -0.82
N SER B 110 -14.09 35.41 -2.13
CA SER B 110 -15.47 35.45 -2.65
C SER B 110 -16.21 34.12 -2.41
N GLY B 111 -15.43 33.04 -2.24
CA GLY B 111 -15.90 31.64 -2.06
C GLY B 111 -14.98 30.63 -2.75
N PRO B 112 -15.34 29.32 -2.75
CA PRO B 112 -14.53 28.34 -3.47
C PRO B 112 -14.37 28.71 -4.92
N ALA B 113 -13.15 28.65 -5.42
CA ALA B 113 -12.89 28.86 -6.83
C ALA B 113 -12.07 27.72 -7.42
N ILE B 114 -12.11 27.61 -8.73
CA ILE B 114 -11.27 26.64 -9.43
C ILE B 114 -10.60 27.42 -10.53
N GLU B 115 -9.27 27.55 -10.45
CA GLU B 115 -8.46 28.24 -11.43
C GLU B 115 -7.91 27.23 -12.44
N GLN B 116 -7.88 27.62 -13.72
CA GLN B 116 -7.30 26.84 -14.84
C GLN B 116 -5.88 27.31 -15.18
N GLY B 117 -5.10 26.42 -15.78
CA GLY B 117 -3.75 26.74 -16.28
C GLY B 117 -3.10 25.62 -17.07
N GLN B 118 -1.86 25.86 -17.53
CA GLN B 118 -1.04 24.87 -18.29
C GLN B 118 0.37 24.81 -17.72
N ASP B 119 1.05 23.66 -17.82
CA ASP B 119 2.40 23.43 -17.27
C ASP B 119 3.00 22.41 -18.24
N THR B 120 4.22 22.65 -18.70
CA THR B 120 4.97 21.65 -19.49
C THR B 120 6.20 21.30 -18.65
N PHE B 121 6.36 20.01 -18.40
CA PHE B 121 7.37 19.44 -17.54
C PHE B 121 8.38 18.88 -18.49
N GLN B 122 9.66 19.17 -18.23
CA GLN B 122 10.79 18.66 -18.99
C GLN B 122 11.41 17.59 -18.13
N TYR B 123 11.73 16.47 -18.75
CA TYR B 123 12.56 15.49 -18.11
C TYR B 123 13.94 16.06 -17.73
N VAL B 124 14.40 15.74 -16.54
CA VAL B 124 15.68 16.16 -16.07
C VAL B 124 16.51 14.92 -15.73
N PRO B 125 17.66 14.72 -16.39
CA PRO B 125 18.43 13.54 -15.98
C PRO B 125 19.09 13.75 -14.61
N THR B 126 19.39 12.66 -13.93
CA THR B 126 20.11 12.79 -12.66
C THR B 126 21.47 13.45 -12.90
N THR B 127 21.81 14.40 -12.02
CA THR B 127 23.06 15.13 -12.08
C THR B 127 23.96 14.76 -10.89
N GLU B 128 25.28 14.89 -11.06
CA GLU B 128 26.26 14.69 -9.98
C GLU B 128 26.19 15.71 -8.82
N ASN C 5 -18.37 -4.74 22.21
CA ASN C 5 -17.69 -5.52 23.27
C ASN C 5 -17.34 -6.94 22.81
N PHE C 6 -16.72 -7.01 21.63
CA PHE C 6 -16.06 -8.21 21.13
C PHE C 6 -15.14 -8.77 22.21
N LYS C 7 -15.14 -10.09 22.35
CA LYS C 7 -14.46 -10.77 23.43
C LYS C 7 -13.28 -11.57 22.90
N ASP C 8 -13.61 -12.56 22.09
CA ASP C 8 -12.67 -13.50 21.56
C ASP C 8 -12.96 -13.52 20.06
N PHE C 9 -12.09 -14.16 19.26
CA PHE C 9 -12.43 -14.35 17.85
C PHE C 9 -13.59 -15.32 17.62
N SER C 10 -14.05 -15.98 18.69
CA SER C 10 -15.28 -16.78 18.64
C SER C 10 -16.54 -15.92 18.72
N SER C 11 -16.38 -14.63 19.05
CA SER C 11 -17.53 -13.73 19.16
C SER C 11 -18.08 -13.41 17.79
N ILE C 12 -17.22 -13.55 16.78
CA ILE C 12 -17.57 -13.20 15.40
C ILE C 12 -17.74 -14.46 14.55
N ALA C 13 -17.92 -15.60 15.24
CA ALA C 13 -18.14 -16.91 14.61
C ALA C 13 -19.53 -17.04 14.00
N SER C 14 -19.63 -17.77 12.89
CA SER C 14 -20.92 -18.05 12.26
C SER C 14 -21.53 -16.81 11.59
N ALA C 15 -20.73 -15.75 11.48
CA ALA C 15 -21.13 -14.59 10.69
C ALA C 15 -19.98 -14.19 9.78
N SER C 16 -20.33 -13.48 8.71
CA SER C 16 -19.43 -12.60 7.98
C SER C 16 -19.26 -11.32 8.78
N SER C 17 -18.05 -10.75 8.71
CA SER C 17 -17.80 -9.43 9.28
C SER C 17 -16.88 -8.67 8.35
N SER C 18 -17.16 -7.37 8.20
CA SER C 18 -16.40 -6.44 7.35
C SER C 18 -15.36 -5.56 8.08
N TRP C 19 -14.16 -5.47 7.51
CA TRP C 19 -13.03 -4.72 8.11
C TRP C 19 -12.29 -3.80 7.14
N GLN C 20 -11.84 -2.67 7.66
CA GLN C 20 -11.01 -1.73 6.91
C GLN C 20 -9.75 -1.31 7.65
N ASN C 21 -8.60 -1.40 6.98
CA ASN C 21 -7.34 -0.90 7.54
C ASN C 21 -7.06 0.58 7.19
N GLN C 22 -5.97 1.11 7.73
CA GLN C 22 -5.55 2.54 7.54
C GLN C 22 -5.29 2.99 6.08
N SER C 23 -5.08 2.05 5.16
CA SER C 23 -4.78 2.30 3.74
C SER C 23 -6.03 2.25 2.87
N GLY C 24 -7.17 2.13 3.53
CA GLY C 24 -8.46 1.96 2.87
C GLY C 24 -8.70 0.56 2.31
N SER C 25 -7.91 -0.41 2.73
CA SER C 25 -8.09 -1.77 2.22
C SER C 25 -9.23 -2.41 2.98
N THR C 26 -9.91 -3.33 2.37
CA THR C 26 -11.13 -3.85 2.98
C THR C 26 -11.17 -5.40 2.94
N MET C 27 -11.64 -6.02 4.01
CA MET C 27 -11.78 -7.49 4.04
C MET C 27 -13.11 -7.96 4.60
N ILE C 28 -13.63 -9.02 3.99
CA ILE C 28 -14.93 -9.55 4.44
C ILE C 28 -14.61 -10.96 4.87
N ILE C 29 -14.76 -11.27 6.16
CA ILE C 29 -14.33 -12.58 6.68
C ILE C 29 -15.42 -13.46 7.30
N GLN C 30 -15.32 -14.76 7.04
CA GLN C 30 -16.17 -15.78 7.68
C GLN C 30 -15.35 -16.50 8.74
N VAL C 31 -15.85 -16.56 9.95
CA VAL C 31 -15.17 -17.32 11.00
C VAL C 31 -16.05 -18.52 11.47
N ASP C 32 -15.49 -19.72 11.36
CA ASP C 32 -16.22 -20.92 11.79
C ASP C 32 -15.83 -21.30 13.23
N SER C 33 -16.67 -22.10 13.91
CA SER C 33 -16.50 -22.37 15.35
C SER C 33 -15.32 -23.31 15.62
N PHE C 34 -14.75 -23.84 14.54
CA PHE C 34 -13.52 -24.60 14.61
C PHE C 34 -12.32 -23.74 14.22
N GLY C 35 -12.47 -22.42 14.38
CA GLY C 35 -11.35 -21.49 14.25
C GLY C 35 -10.79 -21.15 12.86
N ASN C 36 -11.42 -21.64 11.78
CA ASN C 36 -11.01 -21.29 10.43
C ASN C 36 -11.54 -19.92 10.05
N VAL C 37 -10.75 -19.20 9.27
CA VAL C 37 -11.18 -17.94 8.68
C VAL C 37 -11.18 -18.10 7.16
N SER C 38 -12.29 -17.70 6.53
CA SER C 38 -12.36 -17.56 5.08
C SER C 38 -12.79 -16.14 4.73
N GLY C 39 -12.59 -15.74 3.48
CA GLY C 39 -13.19 -14.52 2.98
C GLY C 39 -12.46 -13.91 1.82
N GLN C 40 -12.54 -12.58 1.75
CA GLN C 40 -12.12 -11.85 0.55
C GLN C 40 -11.44 -10.55 0.94
N TYR C 41 -10.33 -10.30 0.28
CA TYR C 41 -9.55 -9.10 0.61
C TYR C 41 -9.63 -8.17 -0.56
N VAL C 42 -10.11 -6.95 -0.32
CA VAL C 42 -10.01 -5.88 -1.35
C VAL C 42 -8.89 -4.88 -1.00
N ASN C 43 -7.79 -4.95 -1.75
CA ASN C 43 -6.67 -4.05 -1.54
C ASN C 43 -6.90 -2.66 -2.12
N ARG C 44 -6.55 -1.62 -1.35
CA ARG C 44 -6.62 -0.25 -1.85
C ARG C 44 -5.45 0.60 -1.42
N ALA C 45 -4.32 -0.04 -1.13
CA ALA C 45 -3.12 0.66 -0.72
C ALA C 45 -2.52 1.43 -1.86
N GLN C 46 -2.36 2.73 -1.60
CA GLN C 46 -1.86 3.67 -2.60
C GLN C 46 -0.57 3.11 -3.19
N GLY C 47 -0.47 3.16 -4.50
CA GLY C 47 0.78 2.75 -5.14
C GLY C 47 1.07 1.28 -5.12
N THR C 48 0.07 0.43 -4.87
CA THR C 48 0.28 -1.03 -4.92
C THR C 48 -0.42 -1.63 -6.13
N GLY C 49 -0.01 -2.83 -6.53
CA GLY C 49 -0.77 -3.55 -7.56
C GLY C 49 -1.97 -4.32 -6.99
N CYS C 50 -2.73 -4.95 -7.88
CA CYS C 50 -3.88 -5.80 -7.44
C CYS C 50 -4.83 -5.06 -6.49
N GLN C 51 -5.27 -3.88 -6.91
CA GLN C 51 -6.25 -3.07 -6.21
C GLN C 51 -7.67 -3.29 -6.72
N ASN C 52 -8.64 -2.98 -5.87
CA ASN C 52 -10.08 -2.99 -6.26
C ASN C 52 -10.75 -4.28 -6.82
N SER C 53 -10.09 -5.46 -6.72
CA SER C 53 -10.76 -6.73 -7.04
C SER C 53 -10.58 -7.71 -5.85
N PRO C 54 -11.61 -8.51 -5.52
CA PRO C 54 -11.48 -9.38 -4.36
C PRO C 54 -10.51 -10.54 -4.57
N TYR C 55 -9.66 -10.79 -3.57
CA TYR C 55 -8.73 -11.90 -3.56
C TYR C 55 -9.11 -12.84 -2.43
N PRO C 56 -8.99 -14.16 -2.68
CA PRO C 56 -9.34 -15.08 -1.59
C PRO C 56 -8.34 -15.03 -0.44
N LEU C 57 -8.90 -15.20 0.75
CA LEU C 57 -8.18 -14.97 1.98
C LEU C 57 -8.43 -16.24 2.77
N THR C 58 -7.38 -16.77 3.39
CA THR C 58 -7.57 -17.88 4.32
C THR C 58 -6.74 -17.72 5.60
N GLY C 59 -7.31 -18.17 6.71
CA GLY C 59 -6.71 -17.90 8.01
C GLY C 59 -7.14 -18.81 9.17
N ARG C 60 -6.38 -18.71 10.27
CA ARG C 60 -6.70 -19.38 11.54
C ARG C 60 -6.95 -18.32 12.59
N VAL C 61 -7.93 -18.58 13.46
CA VAL C 61 -7.94 -17.88 14.73
C VAL C 61 -7.54 -18.81 15.89
N ASN C 62 -7.26 -18.16 17.03
CA ASN C 62 -6.94 -18.82 18.28
C ASN C 62 -7.16 -17.83 19.41
N GLY C 63 -8.35 -17.88 19.98
CA GLY C 63 -8.69 -16.96 21.03
C GLY C 63 -8.64 -15.56 20.46
N THR C 64 -7.71 -14.78 20.97
CA THR C 64 -7.64 -13.37 20.60
C THR C 64 -6.66 -13.14 19.46
N PHE C 65 -6.10 -14.22 18.96
CA PHE C 65 -5.06 -14.14 17.95
C PHE C 65 -5.48 -14.69 16.60
N ILE C 66 -4.90 -14.10 15.56
CA ILE C 66 -5.24 -14.42 14.19
C ILE C 66 -4.01 -14.36 13.32
N ALA C 67 -3.99 -15.29 12.36
CA ALA C 67 -3.06 -15.28 11.24
C ALA C 67 -3.89 -15.57 9.99
N PHE C 68 -3.64 -14.82 8.92
CA PHE C 68 -4.34 -14.99 7.64
C PHE C 68 -3.45 -14.68 6.45
N SER C 69 -3.84 -15.16 5.30
CA SER C 69 -2.96 -15.13 4.15
C SER C 69 -3.74 -14.83 2.87
N VAL C 70 -3.07 -14.18 1.92
CA VAL C 70 -3.64 -13.84 0.63
C VAL C 70 -2.60 -14.04 -0.46
N GLY C 71 -2.92 -14.82 -1.48
CA GLY C 71 -2.09 -14.88 -2.73
C GLY C 71 -2.68 -13.92 -3.75
N TRP C 72 -1.85 -13.11 -4.37
CA TRP C 72 -2.35 -11.98 -5.18
C TRP C 72 -2.41 -12.36 -6.65
N ASN C 73 -3.27 -13.33 -6.95
CA ASN C 73 -3.78 -13.65 -8.30
C ASN C 73 -5.19 -14.11 -8.12
N ASN C 74 -6.15 -13.43 -8.76
CA ASN C 74 -7.57 -13.87 -8.69
C ASN C 74 -8.07 -14.02 -10.12
N SER C 75 -7.11 -14.14 -11.05
CA SER C 75 -7.40 -14.28 -12.47
C SER C 75 -7.90 -12.96 -13.10
N THR C 76 -8.09 -11.91 -12.29
CA THR C 76 -8.30 -10.55 -12.85
C THR C 76 -6.93 -9.88 -12.94
N GLU C 77 -6.10 -10.07 -11.91
CA GLU C 77 -4.79 -9.46 -11.84
C GLU C 77 -3.86 -10.31 -11.03
N ASN C 78 -2.71 -10.62 -11.61
CA ASN C 78 -1.64 -11.33 -10.94
C ASN C 78 -0.50 -10.31 -10.64
N CYS C 79 -0.23 -10.06 -9.36
CA CYS C 79 0.90 -9.21 -8.96
C CYS C 79 2.06 -10.11 -8.57
N ASN C 80 1.82 -11.42 -8.62
CA ASN C 80 2.86 -12.41 -8.43
C ASN C 80 3.58 -12.15 -7.12
N SER C 81 2.80 -12.25 -6.06
CA SER C 81 3.26 -12.08 -4.71
C SER C 81 2.25 -12.70 -3.75
N ALA C 82 2.61 -12.73 -2.48
CA ALA C 82 1.75 -13.22 -1.42
C ALA C 82 1.95 -12.33 -0.19
N THR C 83 0.99 -12.37 0.73
CA THR C 83 1.03 -11.57 1.95
C THR C 83 0.36 -12.34 3.10
N GLY C 84 1.03 -12.36 4.24
CA GLY C 84 0.46 -12.93 5.47
C GLY C 84 0.43 -11.88 6.54
N TRP C 85 -0.70 -11.79 7.23
CA TRP C 85 -0.85 -10.94 8.37
C TRP C 85 -0.91 -11.81 9.63
N THR C 86 -0.36 -11.31 10.74
CA THR C 86 -0.45 -11.92 12.07
C THR C 86 -0.70 -10.82 13.11
N GLY C 87 -1.57 -11.09 14.07
CA GLY C 87 -1.88 -10.11 15.06
C GLY C 87 -2.95 -10.57 15.99
N TYR C 88 -3.64 -9.61 16.56
CA TYR C 88 -4.54 -9.82 17.67
C TYR C 88 -5.60 -8.77 17.54
N ALA C 89 -6.77 -9.10 18.05
CA ALA C 89 -7.87 -8.18 18.09
C ALA C 89 -7.76 -7.38 19.36
N GLN C 90 -8.49 -6.29 19.43
CA GLN C 90 -8.65 -5.52 20.67
C GLN C 90 -9.79 -4.55 20.54
N VAL C 91 -10.14 -3.91 21.66
CA VAL C 91 -11.18 -2.89 21.68
C VAL C 91 -10.54 -1.51 21.90
N ASN C 92 -10.78 -0.61 20.94
CA ASN C 92 -10.47 0.82 21.00
C ASN C 92 -11.75 1.57 20.66
N GLY C 93 -11.95 2.74 21.28
CA GLY C 93 -13.24 3.42 21.20
C GLY C 93 -14.29 2.44 21.70
N ASN C 94 -15.44 2.39 21.04
CA ASN C 94 -16.37 1.31 21.30
C ASN C 94 -16.56 0.38 20.09
N ASN C 95 -15.53 0.30 19.24
CA ASN C 95 -15.43 -0.86 18.34
C ASN C 95 -14.05 -1.54 18.27
N THR C 96 -14.03 -2.70 17.66
CA THR C 96 -12.92 -3.58 17.81
C THR C 96 -11.90 -3.39 16.65
N GLU C 97 -10.64 -3.67 16.96
CA GLU C 97 -9.54 -3.53 16.02
C GLU C 97 -8.88 -4.88 15.81
N ILE C 98 -8.22 -5.05 14.67
CA ILE C 98 -7.28 -6.15 14.46
C ILE C 98 -5.94 -5.50 14.12
N VAL C 99 -4.99 -5.60 15.04
CA VAL C 99 -3.68 -4.96 14.88
C VAL C 99 -2.75 -6.00 14.34
N THR C 100 -2.11 -5.75 13.23
CA THR C 100 -1.33 -6.82 12.61
C THR C 100 0.06 -6.35 12.23
N SER C 101 0.96 -7.29 11.98
CA SER C 101 2.09 -7.02 11.11
C SER C 101 2.09 -8.01 9.93
N TRP C 102 2.70 -7.62 8.80
CA TRP C 102 2.57 -8.38 7.58
C TRP C 102 3.88 -8.53 6.83
N ASN C 103 4.00 -9.62 6.11
CA ASN C 103 5.14 -9.83 5.22
C ASN C 103 4.59 -9.98 3.81
N LEU C 104 5.16 -9.24 2.87
CA LEU C 104 4.80 -9.30 1.47
C LEU C 104 5.99 -9.83 0.69
N ALA C 105 5.84 -11.06 0.21
CA ALA C 105 6.87 -11.71 -0.55
C ALA C 105 6.61 -11.45 -2.01
N TYR C 106 7.54 -10.81 -2.71
CA TYR C 106 7.32 -10.39 -4.11
C TYR C 106 8.54 -10.54 -5.00
N GLU C 107 8.35 -10.53 -6.31
CA GLU C 107 9.49 -10.63 -7.21
C GLU C 107 10.05 -9.24 -7.56
N GLY C 108 11.11 -8.83 -6.85
CA GLY C 108 11.89 -7.65 -7.22
C GLY C 108 12.79 -7.93 -8.41
N GLY C 109 13.29 -6.86 -9.04
CA GLY C 109 14.17 -6.93 -10.22
C GLY C 109 15.53 -7.53 -9.95
N SER C 110 15.88 -7.67 -8.67
CA SER C 110 17.08 -8.40 -8.25
C SER C 110 16.69 -9.81 -7.79
N GLY C 111 15.41 -10.12 -7.94
CA GLY C 111 14.87 -11.40 -7.49
C GLY C 111 13.91 -11.24 -6.32
N PRO C 112 13.62 -12.34 -5.61
CA PRO C 112 12.51 -12.34 -4.69
C PRO C 112 12.87 -11.68 -3.38
N ALA C 113 12.17 -10.59 -3.06
CA ALA C 113 12.34 -9.89 -1.78
C ALA C 113 11.14 -10.11 -0.86
N ILE C 114 11.26 -9.65 0.38
CA ILE C 114 10.12 -9.61 1.30
C ILE C 114 10.01 -8.22 1.96
N GLU C 115 8.89 -7.53 1.77
CA GLU C 115 8.61 -6.26 2.47
C GLU C 115 7.80 -6.49 3.74
N GLN C 116 7.87 -5.54 4.68
CA GLN C 116 7.21 -5.66 5.96
C GLN C 116 6.49 -4.38 6.30
N GLY C 117 5.46 -4.52 7.13
CA GLY C 117 4.63 -3.40 7.53
C GLY C 117 3.58 -3.81 8.52
N GLN C 118 2.72 -2.87 8.88
CA GLN C 118 1.72 -3.11 9.91
C GLN C 118 0.33 -2.65 9.47
N ASP C 119 -0.65 -3.55 9.47
CA ASP C 119 -2.02 -3.08 9.25
C ASP C 119 -2.81 -3.11 10.54
N THR C 120 -3.69 -2.12 10.67
CA THR C 120 -4.63 -2.11 11.75
C THR C 120 -5.98 -2.05 11.06
N PHE C 121 -6.81 -3.05 11.33
CA PHE C 121 -8.14 -3.09 10.73
C PHE C 121 -9.17 -2.70 11.73
N GLN C 122 -10.20 -2.02 11.22
CA GLN C 122 -11.26 -1.50 12.04
C GLN C 122 -12.55 -2.16 11.58
N TYR C 123 -13.39 -2.58 12.53
CA TYR C 123 -14.60 -3.33 12.19
C TYR C 123 -15.62 -2.38 11.58
N VAL C 124 -16.26 -2.76 10.47
CA VAL C 124 -17.26 -1.90 9.77
C VAL C 124 -18.62 -2.58 9.73
N PRO C 125 -19.66 -1.95 10.34
CA PRO C 125 -21.00 -2.53 10.45
C PRO C 125 -21.68 -2.67 9.10
N THR C 126 -22.73 -3.52 9.03
CA THR C 126 -23.51 -3.72 7.82
C THR C 126 -24.43 -2.55 7.59
N THR C 127 -24.52 -2.11 6.33
CA THR C 127 -25.54 -1.17 5.90
C THR C 127 -26.74 -1.90 5.27
N GLU C 128 -27.92 -1.28 5.33
CA GLU C 128 -29.18 -1.86 4.81
C GLU C 128 -29.76 -0.97 3.71
N SER D 18 5.18 -33.46 2.46
CA SER D 18 6.44 -33.60 3.27
C SER D 18 7.36 -32.42 3.02
N TRP D 19 7.68 -31.69 4.09
CA TRP D 19 8.59 -30.53 4.04
C TRP D 19 9.47 -30.45 5.27
N GLN D 20 10.76 -30.22 5.05
CA GLN D 20 11.70 -30.02 6.16
C GLN D 20 12.75 -28.93 5.90
N ASN D 21 13.35 -28.46 7.00
CA ASN D 21 14.64 -27.73 7.08
C ASN D 21 14.59 -26.50 8.01
N SER D 23 15.51 -24.46 12.86
CA SER D 23 16.09 -25.74 12.45
C SER D 23 15.03 -26.83 12.42
N GLY D 24 14.21 -26.91 13.49
CA GLY D 24 13.08 -27.85 13.48
C GLY D 24 11.99 -27.44 12.49
N SER D 25 11.52 -28.38 11.68
CA SER D 25 10.47 -28.07 10.69
C SER D 25 9.80 -29.29 10.04
N THR D 26 8.55 -29.56 10.42
CA THR D 26 7.76 -30.60 9.76
C THR D 26 6.31 -30.22 9.44
N MET D 27 6.07 -29.87 8.19
CA MET D 27 4.72 -29.67 7.70
C MET D 27 4.50 -30.50 6.44
N ILE D 28 3.45 -31.30 6.43
CA ILE D 28 2.98 -31.87 5.17
C ILE D 28 1.88 -30.96 4.64
N ILE D 29 2.05 -30.48 3.41
CA ILE D 29 1.09 -29.52 2.82
C ILE D 29 0.48 -29.96 1.51
N GLN D 30 -0.85 -29.86 1.47
CA GLN D 30 -1.66 -30.10 0.28
C GLN D 30 -2.00 -28.77 -0.39
N VAL D 31 -1.72 -28.69 -1.67
CA VAL D 31 -1.95 -27.50 -2.47
C VAL D 31 -2.89 -27.87 -3.61
N ASP D 32 -4.14 -27.40 -3.54
CA ASP D 32 -5.09 -27.62 -4.64
C ASP D 32 -4.73 -26.71 -5.82
N SER D 33 -5.47 -26.78 -6.93
CA SER D 33 -5.11 -25.98 -8.11
C SER D 33 -5.79 -24.62 -8.17
N PHE D 34 -6.47 -24.25 -7.09
CA PHE D 34 -7.02 -22.91 -6.98
C PHE D 34 -6.17 -22.08 -6.03
N GLY D 35 -4.95 -22.54 -5.77
CA GLY D 35 -4.01 -21.84 -4.92
C GLY D 35 -4.28 -21.95 -3.43
N ASN D 36 -5.24 -22.80 -3.03
CA ASN D 36 -5.46 -23.07 -1.63
C ASN D 36 -4.38 -23.96 -1.06
N VAL D 37 -3.90 -23.58 0.12
CA VAL D 37 -3.02 -24.43 0.89
C VAL D 37 -3.75 -24.99 2.11
N SER D 38 -3.41 -26.22 2.43
CA SER D 38 -4.14 -26.97 3.44
C SER D 38 -3.16 -27.97 3.99
N GLY D 39 -3.29 -28.32 5.25
CA GLY D 39 -2.39 -29.31 5.83
C GLY D 39 -2.38 -29.32 7.32
N GLN D 40 -1.24 -29.74 7.86
CA GLN D 40 -1.05 -29.83 9.31
C GLN D 40 0.38 -29.47 9.65
N TYR D 41 0.51 -28.73 10.75
CA TYR D 41 1.79 -28.33 11.27
C TYR D 41 2.07 -29.11 12.57
N VAL D 42 3.22 -29.78 12.58
CA VAL D 42 3.73 -30.43 13.79
C VAL D 42 5.06 -29.74 14.11
N ASN D 43 5.07 -29.07 15.26
CA ASN D 43 6.15 -28.17 15.66
C ASN D 43 7.27 -28.83 16.48
N ARG D 44 8.52 -28.70 16.00
CA ARG D 44 9.69 -29.27 16.69
C ARG D 44 10.96 -28.40 16.65
N ALA D 45 10.83 -27.17 17.14
CA ALA D 45 11.97 -26.29 17.35
C ALA D 45 12.03 -25.98 18.84
N GLN D 46 13.18 -26.31 19.45
CA GLN D 46 13.38 -26.32 20.92
C GLN D 46 12.60 -25.26 21.74
N GLY D 47 12.02 -25.70 22.87
CA GLY D 47 11.34 -24.84 23.83
C GLY D 47 10.50 -23.74 23.22
N THR D 48 9.21 -24.05 23.00
CA THR D 48 8.27 -23.11 22.37
C THR D 48 6.85 -23.25 22.95
N GLY D 49 6.29 -24.45 22.83
CA GLY D 49 4.91 -24.73 23.18
C GLY D 49 4.29 -25.47 22.02
N CYS D 50 3.14 -26.08 22.26
CA CYS D 50 2.43 -26.84 21.23
C CYS D 50 3.40 -27.49 20.25
N GLN D 51 4.20 -28.40 20.79
CA GLN D 51 5.19 -29.18 20.04
C GLN D 51 4.56 -30.51 19.59
N ASN D 52 5.08 -31.02 18.49
CA ASN D 52 4.85 -32.40 18.06
C ASN D 52 3.42 -32.94 18.19
N SER D 53 2.49 -32.23 17.56
CA SER D 53 1.08 -32.62 17.47
C SER D 53 0.46 -32.07 16.17
N PRO D 54 -0.66 -32.69 15.71
CA PRO D 54 -1.32 -32.19 14.49
C PRO D 54 -1.96 -30.80 14.68
N TYR D 55 -1.37 -29.79 14.04
CA TYR D 55 -1.97 -28.45 14.03
C TYR D 55 -2.49 -28.05 12.66
N PRO D 56 -3.79 -27.70 12.59
CA PRO D 56 -4.37 -27.19 11.34
C PRO D 56 -3.64 -25.93 10.81
N LEU D 57 -3.12 -26.07 9.59
CA LEU D 57 -2.43 -25.04 8.86
C LEU D 57 -3.23 -24.71 7.58
N THR D 58 -3.16 -23.45 7.14
CA THR D 58 -3.91 -22.95 5.98
C THR D 58 -3.15 -21.81 5.31
N GLY D 59 -3.33 -21.64 4.02
CA GLY D 59 -2.55 -20.64 3.29
C GLY D 59 -2.91 -20.51 1.84
N ARG D 60 -2.12 -19.74 1.12
CA ARG D 60 -2.37 -19.49 -0.27
C ARG D 60 -1.06 -19.51 -0.99
N VAL D 61 -1.02 -20.10 -2.19
CA VAL D 61 0.17 -19.99 -3.07
C VAL D 61 -0.09 -19.10 -4.28
N ASN D 62 0.92 -18.31 -4.65
CA ASN D 62 0.90 -17.61 -5.93
C ASN D 62 2.24 -17.86 -6.60
N GLY D 63 2.21 -18.70 -7.63
CA GLY D 63 3.38 -19.10 -8.38
C GLY D 63 4.34 -19.65 -7.37
N THR D 64 5.46 -18.96 -7.23
CA THR D 64 6.51 -19.44 -6.37
C THR D 64 6.45 -18.88 -4.94
N PHE D 65 5.48 -18.00 -4.69
CA PHE D 65 5.32 -17.38 -3.37
C PHE D 65 4.25 -18.09 -2.59
N ILE D 66 4.36 -18.03 -1.26
CA ILE D 66 3.44 -18.73 -0.39
C ILE D 66 3.28 -18.01 0.94
N ALA D 67 2.12 -18.18 1.56
CA ALA D 67 1.86 -17.62 2.88
C ALA D 67 0.90 -18.54 3.60
N PHE D 68 1.21 -18.88 4.85
CA PHE D 68 0.35 -19.77 5.60
C PHE D 68 0.21 -19.37 7.04
N SER D 69 -0.86 -19.86 7.66
CA SER D 69 -1.26 -19.49 9.00
C SER D 69 -1.38 -20.73 9.89
N VAL D 70 -1.07 -20.60 11.18
CA VAL D 70 -1.39 -21.64 12.17
C VAL D 70 -1.89 -20.99 13.44
N GLY D 71 -3.10 -21.32 13.85
CA GLY D 71 -3.56 -21.05 15.21
C GLY D 71 -3.00 -22.16 16.10
N TRP D 72 -2.69 -21.83 17.36
CA TRP D 72 -2.05 -22.79 18.28
C TRP D 72 -3.07 -23.34 19.28
N ASN D 73 -3.81 -24.33 18.80
CA ASN D 73 -4.95 -24.91 19.48
C ASN D 73 -5.48 -26.01 18.59
N ASN D 74 -5.35 -27.27 19.01
CA ASN D 74 -5.90 -28.42 18.25
C ASN D 74 -6.92 -29.25 19.04
N SER D 75 -7.43 -28.67 20.13
CA SER D 75 -8.36 -29.32 21.08
C SER D 75 -7.70 -30.29 22.09
N THR D 76 -6.34 -30.32 22.07
CA THR D 76 -5.57 -31.03 23.10
C THR D 76 -4.75 -30.01 23.91
N GLU D 77 -3.82 -29.33 23.22
CA GLU D 77 -2.96 -28.28 23.82
C GLU D 77 -3.30 -26.87 23.25
N ASN D 78 -3.05 -25.83 24.04
CA ASN D 78 -3.48 -24.46 23.71
C ASN D 78 -2.47 -23.37 24.07
N CYS D 79 -1.55 -23.09 23.16
CA CYS D 79 -0.53 -22.06 23.40
C CYS D 79 -1.02 -20.60 23.29
N ASN D 80 -2.34 -20.42 23.05
CA ASN D 80 -2.96 -19.11 22.96
C ASN D 80 -2.15 -18.14 22.09
N SER D 81 -1.97 -18.51 20.84
CA SER D 81 -1.16 -17.71 19.91
C SER D 81 -1.44 -18.08 18.44
N ALA D 82 -0.79 -17.38 17.51
CA ALA D 82 -0.86 -17.68 16.07
C ALA D 82 0.42 -17.31 15.33
N THR D 83 0.73 -18.04 14.27
CA THR D 83 1.90 -17.71 13.46
C THR D 83 1.58 -17.65 11.96
N GLY D 84 2.10 -16.61 11.29
CA GLY D 84 1.96 -16.50 9.85
C GLY D 84 3.30 -16.51 9.15
N TRP D 85 3.44 -17.36 8.13
CA TRP D 85 4.68 -17.41 7.34
C TRP D 85 4.42 -16.82 5.99
N THR D 86 5.46 -16.24 5.39
CA THR D 86 5.32 -15.70 4.04
C THR D 86 6.66 -15.78 3.32
N GLY D 87 6.70 -16.38 2.13
CA GLY D 87 7.98 -16.51 1.43
C GLY D 87 7.99 -16.88 -0.03
N TYR D 88 9.09 -17.48 -0.48
CA TYR D 88 9.25 -17.83 -1.87
C TYR D 88 10.11 -19.07 -2.11
N ALA D 89 9.78 -19.80 -3.18
CA ALA D 89 10.46 -21.05 -3.54
C ALA D 89 11.37 -20.91 -4.77
N ILE D 98 12.31 -22.88 0.84
CA ILE D 98 11.23 -21.99 1.21
C ILE D 98 11.79 -20.89 2.14
N VAL D 99 12.18 -19.77 1.54
CA VAL D 99 12.61 -18.60 2.28
C VAL D 99 11.35 -17.97 2.91
N THR D 100 10.90 -18.49 4.06
CA THR D 100 9.80 -17.83 4.74
C THR D 100 10.30 -16.74 5.68
N SER D 101 9.35 -16.10 6.37
CA SER D 101 9.58 -15.19 7.48
C SER D 101 8.30 -15.25 8.28
N TRP D 102 8.40 -15.27 9.60
CA TRP D 102 7.22 -15.46 10.39
C TRP D 102 6.90 -14.26 11.29
N ASN D 103 5.69 -14.28 11.85
CA ASN D 103 5.32 -13.40 12.94
C ASN D 103 4.51 -14.27 13.87
N LEU D 104 4.78 -14.17 15.17
CA LEU D 104 4.07 -14.97 16.14
C LEU D 104 3.34 -14.07 17.12
N ALA D 105 2.01 -14.11 17.10
CA ALA D 105 1.23 -13.21 17.92
C ALA D 105 0.89 -13.91 19.23
N TYR D 106 1.81 -13.83 20.18
CA TYR D 106 1.70 -14.49 21.48
C TYR D 106 1.29 -13.53 22.59
N GLU D 107 0.67 -14.06 23.63
CA GLU D 107 0.31 -13.26 24.81
C GLU D 107 1.55 -12.99 25.64
N GLY D 108 1.85 -11.71 25.85
CA GLY D 108 3.09 -11.30 26.50
C GLY D 108 2.92 -11.08 28.00
N GLY D 109 4.04 -10.76 28.65
CA GLY D 109 4.08 -10.48 30.08
C GLY D 109 3.13 -9.39 30.54
N SER D 110 2.78 -8.49 29.62
CA SER D 110 1.92 -7.34 29.92
C SER D 110 0.79 -7.10 28.88
N GLY D 111 0.48 -8.13 28.09
CA GLY D 111 -0.53 -8.05 27.00
C GLY D 111 -0.06 -8.76 25.74
N PRO D 112 -0.75 -8.55 24.60
CA PRO D 112 -0.35 -9.22 23.34
C PRO D 112 0.92 -8.65 22.73
N ALA D 113 1.64 -9.49 21.98
CA ALA D 113 2.89 -9.09 21.34
C ALA D 113 3.18 -9.97 20.13
N ILE D 114 4.12 -9.52 19.28
CA ILE D 114 4.49 -10.22 18.05
C ILE D 114 6.02 -10.25 17.93
N GLU D 115 6.59 -11.39 17.54
CA GLU D 115 8.03 -11.45 17.26
C GLU D 115 8.38 -12.03 15.88
N GLN D 116 9.48 -11.56 15.31
CA GLN D 116 9.83 -11.85 13.92
C GLN D 116 10.86 -12.98 13.81
N GLY D 117 11.19 -13.38 12.59
CA GLY D 117 12.16 -14.47 12.35
C GLY D 117 12.12 -14.98 10.93
N GLN D 118 12.84 -16.07 10.66
CA GLN D 118 12.99 -16.54 9.27
C GLN D 118 13.23 -18.03 9.24
N ASP D 119 12.39 -18.76 8.50
CA ASP D 119 12.56 -20.21 8.37
C ASP D 119 12.87 -20.54 6.93
N THR D 120 13.81 -21.47 6.71
CA THR D 120 14.12 -21.96 5.37
C THR D 120 13.82 -23.45 5.32
N PHE D 121 12.84 -23.84 4.52
CA PHE D 121 12.42 -25.24 4.45
C PHE D 121 13.06 -25.92 3.23
N SER E 10 -17.50 -23.56 -22.12
CA SER E 10 -17.31 -25.05 -22.28
C SER E 10 -16.30 -25.62 -21.25
N SER E 11 -15.01 -25.46 -21.49
CA SER E 11 -13.98 -26.05 -20.60
C SER E 11 -12.99 -25.08 -19.97
N ILE E 12 -13.21 -24.80 -18.69
CA ILE E 12 -12.30 -24.04 -17.83
C ILE E 12 -12.35 -24.63 -16.41
N ALA E 13 -12.49 -25.95 -16.33
CA ALA E 13 -12.68 -26.66 -15.06
C ALA E 13 -11.36 -26.91 -14.32
N SER E 14 -11.34 -26.46 -13.06
CA SER E 14 -10.13 -26.39 -12.22
C SER E 14 -9.34 -25.09 -12.44
N ALA E 15 -9.96 -24.17 -13.20
CA ALA E 15 -9.41 -22.83 -13.42
C ALA E 15 -10.27 -21.71 -12.79
N SER E 16 -9.64 -20.56 -12.57
CA SER E 16 -10.29 -19.32 -12.10
C SER E 16 -10.50 -18.39 -13.32
N SER E 17 -11.66 -17.77 -13.46
CA SER E 17 -11.87 -16.84 -14.57
C SER E 17 -12.74 -15.64 -14.20
N SER E 18 -12.54 -14.55 -14.95
CA SER E 18 -13.26 -13.29 -14.73
C SER E 18 -14.07 -12.90 -15.95
N TRP E 19 -15.12 -12.14 -15.70
CA TRP E 19 -16.21 -11.94 -16.67
C TRP E 19 -16.76 -10.58 -16.36
N GLN E 20 -17.27 -9.88 -17.37
CA GLN E 20 -17.89 -8.59 -17.12
C GLN E 20 -19.16 -8.58 -17.91
N ASN E 21 -20.24 -8.07 -17.31
CA ASN E 21 -21.46 -7.87 -18.09
C ASN E 21 -21.61 -6.44 -18.65
N GLN E 22 -22.65 -6.23 -19.45
CA GLN E 22 -22.92 -4.99 -20.15
C GLN E 22 -23.24 -3.79 -19.21
N SER E 23 -23.53 -4.06 -17.95
CA SER E 23 -23.74 -2.97 -16.95
C SER E 23 -22.46 -2.62 -16.15
N GLY E 24 -21.37 -3.32 -16.42
CA GLY E 24 -20.12 -3.02 -15.71
C GLY E 24 -19.82 -3.92 -14.53
N SER E 25 -20.74 -4.86 -14.25
CA SER E 25 -20.60 -5.84 -13.16
C SER E 25 -19.63 -6.92 -13.54
N THR E 26 -18.85 -7.37 -12.55
CA THR E 26 -17.82 -8.36 -12.77
C THR E 26 -17.99 -9.52 -11.79
N MET E 27 -17.64 -10.70 -12.27
CA MET E 27 -17.56 -11.87 -11.40
C MET E 27 -16.30 -12.62 -11.63
N ILE E 28 -15.76 -13.11 -10.53
CA ILE E 28 -14.62 -14.01 -10.53
C ILE E 28 -15.13 -15.36 -10.06
N ILE E 29 -14.92 -16.37 -10.91
CA ILE E 29 -15.37 -17.75 -10.66
C ILE E 29 -14.31 -18.87 -10.76
N GLN E 30 -14.47 -19.85 -9.86
CA GLN E 30 -13.75 -21.10 -9.83
C GLN E 30 -14.75 -22.21 -10.20
N VAL E 31 -14.44 -22.99 -11.23
CA VAL E 31 -15.14 -24.23 -11.57
C VAL E 31 -14.22 -25.38 -11.18
N ASP E 32 -14.63 -26.30 -10.31
CA ASP E 32 -13.83 -27.51 -10.02
C ASP E 32 -14.15 -28.67 -10.99
N SER E 33 -13.49 -29.82 -10.86
CA SER E 33 -13.71 -30.91 -11.84
C SER E 33 -15.06 -31.64 -11.67
N PHE E 34 -15.66 -31.43 -10.51
CA PHE E 34 -16.97 -31.95 -10.19
C PHE E 34 -18.11 -31.04 -10.59
N GLY E 35 -17.84 -29.97 -11.33
CA GLY E 35 -18.89 -29.05 -11.77
C GLY E 35 -19.39 -27.97 -10.83
N ASN E 36 -18.84 -27.89 -9.62
CA ASN E 36 -19.13 -26.79 -8.68
C ASN E 36 -18.54 -25.43 -9.11
N VAL E 37 -19.37 -24.40 -9.11
CA VAL E 37 -18.93 -23.03 -9.35
C VAL E 37 -18.91 -22.32 -8.02
N SER E 38 -17.81 -21.64 -7.72
CA SER E 38 -17.67 -20.78 -6.54
C SER E 38 -17.12 -19.45 -7.00
N GLY E 39 -17.36 -18.37 -6.24
CA GLY E 39 -16.68 -17.16 -6.57
C GLY E 39 -17.33 -15.97 -6.00
N GLN E 40 -17.10 -14.82 -6.64
CA GLN E 40 -17.54 -13.55 -6.05
C GLN E 40 -18.09 -12.60 -7.11
N TYR E 41 -19.11 -11.82 -6.75
CA TYR E 41 -19.79 -10.96 -7.70
C TYR E 41 -19.68 -9.54 -7.26
N VAL E 42 -19.31 -8.65 -8.18
CA VAL E 42 -19.36 -7.20 -7.91
C VAL E 42 -20.35 -6.51 -8.81
N ASN E 43 -21.47 -6.09 -8.22
CA ASN E 43 -22.57 -5.49 -8.96
C ASN E 43 -22.25 -4.02 -9.25
N ARG E 44 -22.55 -3.54 -10.46
CA ARG E 44 -22.42 -2.10 -10.77
C ARG E 44 -23.58 -1.56 -11.64
N ALA E 45 -24.64 -2.35 -11.81
CA ALA E 45 -25.81 -1.91 -12.56
C ALA E 45 -26.41 -0.65 -11.97
N GLN E 46 -26.47 0.41 -12.77
CA GLN E 46 -27.05 1.68 -12.28
C GLN E 46 -28.49 1.45 -11.80
N GLY E 47 -28.87 2.13 -10.71
CA GLY E 47 -30.23 1.99 -10.13
C GLY E 47 -30.50 0.85 -9.12
N THR E 48 -29.46 0.20 -8.61
CA THR E 48 -29.59 -1.00 -7.77
C THR E 48 -28.70 -0.82 -6.57
N GLY E 49 -29.09 -1.39 -5.45
CA GLY E 49 -28.26 -1.37 -4.24
C GLY E 49 -27.10 -2.34 -4.30
N CYS E 50 -26.29 -2.38 -3.24
CA CYS E 50 -25.29 -3.44 -3.12
C CYS E 50 -24.34 -3.45 -4.31
N GLN E 51 -23.75 -2.28 -4.56
CA GLN E 51 -22.75 -2.12 -5.61
C GLN E 51 -21.37 -2.07 -4.96
N ASN E 52 -20.31 -2.42 -5.72
CA ASN E 52 -18.92 -2.13 -5.28
C ASN E 52 -18.45 -2.78 -3.98
N SER E 53 -19.01 -3.93 -3.67
CA SER E 53 -18.48 -4.83 -2.66
C SER E 53 -18.76 -6.23 -3.22
N PRO E 54 -17.82 -7.17 -3.03
CA PRO E 54 -18.00 -8.57 -3.49
C PRO E 54 -19.01 -9.35 -2.63
N TYR E 55 -19.91 -10.07 -3.30
CA TYR E 55 -20.92 -10.96 -2.74
C TYR E 55 -20.57 -12.39 -3.14
N PRO E 56 -20.69 -13.32 -2.18
CA PRO E 56 -20.47 -14.74 -2.51
C PRO E 56 -21.30 -15.20 -3.70
N LEU E 57 -20.66 -16.02 -4.52
CA LEU E 57 -21.34 -16.62 -5.65
C LEU E 57 -21.23 -18.13 -5.60
N THR E 58 -22.29 -18.81 -6.03
CA THR E 58 -22.21 -20.24 -6.07
C THR E 58 -23.09 -20.76 -7.20
N GLY E 59 -22.73 -21.89 -7.81
CA GLY E 59 -23.53 -22.39 -8.94
C GLY E 59 -23.04 -23.70 -9.47
N ARG E 60 -23.48 -24.07 -10.67
CA ARG E 60 -23.14 -25.40 -11.23
C ARG E 60 -23.01 -25.27 -12.72
N VAL E 61 -22.07 -26.03 -13.30
CA VAL E 61 -21.85 -26.08 -14.73
C VAL E 61 -22.15 -27.49 -15.24
N ASN E 62 -22.69 -27.55 -16.43
CA ASN E 62 -22.83 -28.83 -17.08
C ASN E 62 -22.57 -28.55 -18.53
N GLY E 63 -21.49 -29.11 -19.04
CA GLY E 63 -21.07 -28.84 -20.41
C GLY E 63 -20.82 -27.36 -20.62
N THR E 64 -21.55 -26.79 -21.57
CA THR E 64 -21.54 -25.37 -21.85
C THR E 64 -22.66 -24.63 -21.09
N PHE E 65 -23.41 -25.35 -20.24
CA PHE E 65 -24.48 -24.75 -19.43
C PHE E 65 -24.03 -24.45 -18.01
N ILE E 66 -24.56 -23.36 -17.46
CA ILE E 66 -24.19 -22.83 -16.15
C ILE E 66 -25.41 -22.25 -15.50
N ALA E 67 -25.51 -22.39 -14.19
CA ALA E 67 -26.51 -21.66 -13.43
C ALA E 67 -25.78 -21.21 -12.17
N PHE E 68 -25.92 -19.94 -11.82
CA PHE E 68 -25.36 -19.52 -10.54
C PHE E 68 -26.24 -18.59 -9.77
N SER E 69 -25.88 -18.31 -8.53
CA SER E 69 -26.81 -17.64 -7.62
C SER E 69 -26.05 -16.65 -6.74
N VAL E 70 -26.65 -15.53 -6.40
CA VAL E 70 -26.09 -14.59 -5.46
C VAL E 70 -27.17 -14.09 -4.52
N GLY E 71 -26.84 -14.11 -3.25
CA GLY E 71 -27.61 -13.46 -2.19
C GLY E 71 -27.02 -12.11 -1.80
N TRP E 72 -27.85 -11.09 -1.83
CA TRP E 72 -27.37 -9.73 -1.63
C TRP E 72 -27.22 -9.35 -0.16
N ASN E 73 -26.37 -10.10 0.53
CA ASN E 73 -25.85 -9.73 1.86
C ASN E 73 -24.48 -10.35 2.09
N ASN E 74 -23.48 -9.48 2.25
CA ASN E 74 -22.12 -9.92 2.45
C ASN E 74 -21.57 -9.34 3.72
N SER E 75 -22.43 -8.65 4.46
CA SER E 75 -22.10 -8.03 5.76
C SER E 75 -21.51 -6.62 5.62
N THR E 76 -21.28 -6.18 4.40
CA THR E 76 -20.97 -4.78 4.14
C THR E 76 -22.24 -4.05 3.78
N GLU E 77 -23.04 -4.64 2.90
CA GLU E 77 -24.36 -4.07 2.60
C GLU E 77 -25.41 -5.19 2.36
N ASN E 78 -26.61 -5.00 2.90
CA ASN E 78 -27.72 -5.94 2.66
C ASN E 78 -28.88 -5.33 1.94
N CYS E 79 -29.24 -5.93 0.81
CA CYS E 79 -30.36 -5.46 0.02
C CYS E 79 -31.65 -6.32 0.17
N ASN E 80 -31.62 -7.33 1.04
CA ASN E 80 -32.78 -8.30 1.22
C ASN E 80 -33.34 -8.80 -0.09
N SER E 81 -32.62 -9.69 -0.76
CA SER E 81 -32.78 -9.78 -2.20
C SER E 81 -31.93 -10.96 -2.57
N ALA E 82 -32.14 -11.56 -3.73
CA ALA E 82 -31.29 -12.61 -4.23
C ALA E 82 -31.52 -12.74 -5.72
N THR E 83 -30.51 -13.21 -6.47
CA THR E 83 -30.62 -13.29 -7.92
C THR E 83 -30.05 -14.61 -8.44
N GLY E 84 -30.72 -15.23 -9.40
CA GLY E 84 -30.21 -16.41 -10.04
C GLY E 84 -30.07 -16.26 -11.52
N TRP E 85 -28.96 -16.75 -12.03
CA TRP E 85 -28.65 -16.59 -13.44
C TRP E 85 -28.54 -17.99 -14.03
N THR E 86 -29.01 -18.15 -15.27
CA THR E 86 -28.87 -19.42 -15.98
C THR E 86 -28.55 -19.13 -17.40
N GLY E 87 -27.67 -19.91 -18.02
CA GLY E 87 -27.52 -19.83 -19.47
C GLY E 87 -26.39 -20.70 -19.96
N TYR E 88 -25.56 -20.18 -20.88
CA TYR E 88 -24.59 -21.02 -21.62
C TYR E 88 -23.40 -20.23 -22.16
N ALA E 89 -22.24 -20.84 -22.13
CA ALA E 89 -21.04 -20.28 -22.72
C ALA E 89 -21.15 -20.38 -24.21
N GLN E 90 -20.55 -19.40 -24.89
CA GLN E 90 -20.30 -19.49 -26.33
C GLN E 90 -19.12 -18.63 -26.80
N VAL E 91 -18.37 -19.20 -27.75
CA VAL E 91 -17.37 -18.43 -28.48
C VAL E 91 -18.19 -17.49 -29.37
N ASN E 92 -17.91 -16.20 -29.28
CA ASN E 92 -18.49 -15.19 -30.15
C ASN E 92 -17.40 -14.35 -30.80
N GLY E 93 -16.93 -14.79 -31.98
CA GLY E 93 -15.77 -14.20 -32.65
C GLY E 93 -14.48 -14.50 -31.92
N ASN E 94 -13.86 -13.48 -31.35
CA ASN E 94 -12.56 -13.62 -30.70
C ASN E 94 -12.64 -13.89 -29.19
N ASN E 95 -13.83 -13.76 -28.61
CA ASN E 95 -13.99 -13.93 -27.17
C ASN E 95 -15.14 -14.89 -26.81
N THR E 96 -15.04 -15.51 -25.64
CA THR E 96 -16.14 -16.32 -25.15
C THR E 96 -17.08 -15.46 -24.33
N GLU E 97 -18.39 -15.59 -24.57
CA GLU E 97 -19.39 -14.93 -23.74
C GLU E 97 -20.38 -15.90 -23.04
N ILE E 98 -20.87 -15.50 -21.87
CA ILE E 98 -21.90 -16.25 -21.18
C ILE E 98 -23.20 -15.47 -21.30
N VAL E 99 -24.15 -16.05 -22.04
CA VAL E 99 -25.51 -15.50 -22.21
C VAL E 99 -26.47 -16.04 -21.11
N THR E 100 -27.17 -15.15 -20.42
CA THR E 100 -27.95 -15.58 -19.28
C THR E 100 -29.25 -14.80 -19.18
N SER E 101 -30.29 -15.41 -18.59
CA SER E 101 -31.40 -14.65 -18.01
C SER E 101 -31.34 -14.80 -16.53
N TRP E 102 -31.95 -13.88 -15.83
CA TRP E 102 -31.81 -13.84 -14.42
C TRP E 102 -33.16 -13.48 -13.85
N ASN E 103 -33.37 -13.86 -12.60
CA ASN E 103 -34.52 -13.42 -11.83
C ASN E 103 -33.96 -12.80 -10.58
N LEU E 104 -34.66 -11.85 -10.04
CA LEU E 104 -34.23 -11.11 -8.88
C LEU E 104 -35.42 -11.07 -7.99
N ALA E 105 -35.26 -11.64 -6.81
CA ALA E 105 -36.36 -11.75 -5.85
C ALA E 105 -36.02 -10.73 -4.78
N TYR E 106 -36.97 -9.86 -4.46
CA TYR E 106 -36.76 -8.75 -3.55
C TYR E 106 -38.11 -8.38 -2.91
N GLU E 107 -38.05 -7.60 -1.83
CA GLU E 107 -39.23 -7.11 -1.14
C GLU E 107 -39.76 -5.89 -1.86
N GLY E 108 -40.85 -6.04 -2.61
CA GLY E 108 -41.40 -4.92 -3.37
C GLY E 108 -42.46 -4.12 -2.61
N GLY E 109 -43.16 -3.24 -3.34
CA GLY E 109 -44.20 -2.37 -2.78
C GLY E 109 -45.14 -3.14 -1.87
N SER E 110 -45.93 -4.03 -2.49
CA SER E 110 -46.70 -5.09 -1.82
C SER E 110 -45.88 -5.91 -0.79
N GLY E 111 -45.42 -7.09 -1.21
CA GLY E 111 -44.50 -7.94 -0.47
C GLY E 111 -43.40 -8.42 -1.42
N PRO E 112 -42.94 -9.68 -1.25
CA PRO E 112 -41.88 -10.16 -2.13
C PRO E 112 -42.31 -10.20 -3.56
N ALA E 113 -41.39 -9.96 -4.48
CA ALA E 113 -41.73 -9.97 -5.90
C ALA E 113 -40.52 -10.43 -6.69
N ILE E 114 -40.69 -10.71 -7.97
CA ILE E 114 -39.60 -11.22 -8.78
C ILE E 114 -39.49 -10.43 -10.08
N GLU E 115 -38.30 -9.86 -10.34
CA GLU E 115 -38.06 -9.20 -11.63
C GLU E 115 -37.19 -10.07 -12.51
N GLN E 116 -37.45 -10.06 -13.81
CA GLN E 116 -36.65 -10.80 -14.78
C GLN E 116 -35.73 -9.88 -15.59
N GLY E 117 -34.66 -10.43 -16.16
CA GLY E 117 -33.75 -9.68 -17.03
C GLY E 117 -32.82 -10.58 -17.82
N GLN E 118 -31.89 -9.96 -18.55
CA GLN E 118 -30.91 -10.62 -19.37
C GLN E 118 -29.51 -9.98 -19.12
N ASP E 119 -28.50 -10.80 -18.86
CA ASP E 119 -27.10 -10.33 -18.72
C ASP E 119 -26.26 -11.16 -19.67
N THR E 120 -25.38 -10.51 -20.44
CA THR E 120 -24.36 -11.19 -21.20
C THR E 120 -23.05 -10.82 -20.59
N PHE E 121 -22.21 -11.83 -20.41
CA PHE E 121 -20.93 -11.69 -19.74
C PHE E 121 -19.84 -11.93 -20.73
N GLN E 122 -18.94 -10.95 -20.84
CA GLN E 122 -17.72 -11.11 -21.61
C GLN E 122 -16.60 -11.65 -20.74
N TYR E 123 -15.83 -12.57 -21.30
CA TYR E 123 -14.56 -13.00 -20.74
C TYR E 123 -13.53 -11.86 -20.61
N VAL E 124 -12.88 -11.80 -19.46
CA VAL E 124 -11.93 -10.75 -19.11
C VAL E 124 -10.56 -11.41 -18.90
N PRO E 125 -9.62 -11.15 -19.81
CA PRO E 125 -8.35 -11.82 -19.54
C PRO E 125 -7.61 -11.14 -18.37
N THR E 126 -6.69 -11.88 -17.76
CA THR E 126 -5.86 -11.44 -16.63
C THR E 126 -4.75 -10.43 -16.98
N THR E 127 -4.64 -9.37 -16.18
CA THR E 127 -3.50 -8.48 -16.23
C THR E 127 -2.30 -9.10 -15.46
N GLU E 128 -1.16 -9.28 -16.16
CA GLU E 128 0.06 -9.87 -15.56
C GLU E 128 1.31 -9.01 -15.78
N SER F 14 0.53 6.90 12.29
CA SER F 14 0.31 7.94 13.34
C SER F 14 0.42 9.39 12.80
N ALA F 15 1.48 10.10 13.20
CA ALA F 15 1.50 11.56 13.02
C ALA F 15 2.49 12.06 11.95
N SER F 16 1.95 12.46 10.80
CA SER F 16 2.74 13.17 9.80
C SER F 16 3.16 14.52 10.38
N SER F 17 4.48 14.73 10.52
CA SER F 17 4.99 15.92 11.23
C SER F 17 6.26 16.54 10.61
N SER F 18 6.48 17.82 10.90
CA SER F 18 7.55 18.62 10.28
C SER F 18 8.53 19.24 11.28
N TRP F 19 9.80 19.30 10.88
CA TRP F 19 10.95 19.57 11.77
C TRP F 19 12.00 20.37 11.02
N GLN F 20 12.46 21.47 11.60
CA GLN F 20 13.48 22.29 10.92
C GLN F 20 14.76 22.47 11.75
N ASN F 21 15.90 22.17 11.14
CA ASN F 21 17.18 22.17 11.87
C ASN F 21 17.95 23.49 11.75
N GLN F 22 18.87 23.74 12.69
CA GLN F 22 19.67 24.98 12.74
C GLN F 22 20.18 25.46 11.37
N SER F 23 20.41 24.53 10.44
CA SER F 23 20.88 24.79 9.09
C SER F 23 19.82 25.16 8.04
N GLY F 24 18.57 25.34 8.47
CA GLY F 24 17.50 25.64 7.54
C GLY F 24 16.85 24.40 6.96
N SER F 25 17.64 23.32 6.88
CA SER F 25 17.14 22.01 6.42
C SER F 25 15.87 21.58 7.11
N THR F 26 15.05 20.86 6.36
CA THR F 26 13.70 20.54 6.79
C THR F 26 13.37 19.09 6.44
N MET F 27 12.59 18.46 7.29
CA MET F 27 12.18 17.10 7.05
C MET F 27 10.72 16.96 7.47
N ILE F 28 10.04 16.01 6.81
CA ILE F 28 8.68 15.59 7.13
C ILE F 28 8.71 14.09 7.42
N ILE F 29 8.12 13.70 8.53
CA ILE F 29 8.16 12.31 8.90
C ILE F 29 6.79 11.73 9.25
N GLN F 30 6.65 10.43 9.07
CA GLN F 30 5.47 9.69 9.52
C GLN F 30 5.99 8.50 10.29
N VAL F 31 5.27 8.11 11.34
CA VAL F 31 5.68 6.94 12.16
C VAL F 31 4.60 5.86 12.41
N ASP F 32 4.72 4.67 11.81
CA ASP F 32 3.74 3.63 12.14
C ASP F 32 4.02 3.21 13.59
N SER F 33 2.97 3.10 14.39
CA SER F 33 3.11 3.08 15.86
C SER F 33 3.79 1.80 16.36
N PHE F 34 4.37 1.08 15.41
CA PHE F 34 5.21 -0.07 15.65
C PHE F 34 6.67 0.33 15.40
N GLY F 35 6.88 1.62 15.13
CA GLY F 35 8.19 2.21 15.09
C GLY F 35 8.79 2.46 13.71
N ASN F 36 8.05 2.20 12.63
CA ASN F 36 8.60 2.51 11.30
C ASN F 36 8.49 3.99 11.04
N VAL F 37 9.60 4.58 10.57
CA VAL F 37 9.67 6.00 10.18
C VAL F 37 9.89 6.09 8.67
N SER F 38 9.01 6.84 8.01
CA SER F 38 9.23 7.18 6.61
C SER F 38 9.04 8.67 6.47
N GLY F 39 9.63 9.24 5.44
CA GLY F 39 9.44 10.67 5.23
C GLY F 39 10.24 11.22 4.10
N GLN F 40 10.51 12.51 4.14
CA GLN F 40 11.19 13.18 3.04
C GLN F 40 12.12 14.25 3.60
N TYR F 41 13.34 14.26 3.09
CA TYR F 41 14.31 15.20 3.61
C TYR F 41 14.68 16.28 2.61
N VAL F 42 14.44 17.53 2.99
CA VAL F 42 15.00 18.65 2.23
C VAL F 42 16.22 19.28 2.96
N ASN F 43 17.33 19.23 2.28
CA ASN F 43 18.53 19.83 2.78
C ASN F 43 18.79 21.23 2.20
N ARG F 44 18.92 22.22 3.08
CA ARG F 44 19.26 23.58 2.65
C ARG F 44 20.48 24.15 3.42
N ALA F 45 21.40 23.28 3.87
CA ALA F 45 22.60 23.64 4.67
C ALA F 45 23.76 24.08 3.80
N GLN F 46 24.33 25.26 4.12
CA GLN F 46 25.34 25.90 3.25
C GLN F 46 26.56 25.04 2.88
N GLY F 47 26.96 25.09 1.61
CA GLY F 47 28.20 24.43 1.18
C GLY F 47 28.05 22.95 0.97
N THR F 48 26.81 22.47 1.06
CA THR F 48 26.51 21.06 0.79
C THR F 48 25.87 20.96 -0.58
N GLY F 49 26.17 19.87 -1.30
CA GLY F 49 25.39 19.48 -2.48
C GLY F 49 23.96 18.97 -2.16
N CYS F 50 23.28 18.46 -3.19
CA CYS F 50 21.93 17.92 -3.04
C CYS F 50 21.01 18.85 -2.21
N GLN F 51 20.84 20.09 -2.68
CA GLN F 51 20.03 21.08 -1.98
C GLN F 51 18.67 21.24 -2.67
N ASN F 52 17.71 21.72 -1.91
CA ASN F 52 16.34 22.04 -2.41
C ASN F 52 15.54 20.94 -3.15
N SER F 53 15.91 19.68 -2.99
CA SER F 53 15.08 18.63 -3.53
C SER F 53 14.83 17.47 -2.53
N PRO F 54 13.61 16.87 -2.52
CA PRO F 54 13.32 15.89 -1.46
C PRO F 54 14.00 14.53 -1.67
N TYR F 55 14.59 13.98 -0.60
CA TYR F 55 15.22 12.65 -0.62
C TYR F 55 14.42 11.70 0.31
N PRO F 56 14.15 10.47 -0.15
CA PRO F 56 13.47 9.56 0.79
C PRO F 56 14.31 9.31 2.08
N LEU F 57 13.59 9.27 3.20
CA LEU F 57 14.11 9.02 4.51
C LEU F 57 13.45 7.77 5.12
N THR F 58 14.24 6.96 5.82
CA THR F 58 13.70 5.87 6.60
C THR F 58 14.37 5.78 7.97
N GLY F 59 13.63 5.27 8.96
CA GLY F 59 14.18 5.16 10.30
C GLY F 59 13.34 4.31 11.23
N ARG F 60 13.70 4.35 12.53
CA ARG F 60 13.04 3.61 13.61
C ARG F 60 12.91 4.55 14.78
N VAL F 61 11.78 4.54 15.47
CA VAL F 61 11.69 5.27 16.71
C VAL F 61 11.45 4.27 17.81
N ASN F 62 11.83 4.66 19.01
CA ASN F 62 11.68 3.84 20.21
C ASN F 62 11.58 4.83 21.36
N GLY F 63 10.35 5.06 21.79
CA GLY F 63 10.05 6.07 22.79
C GLY F 63 10.33 7.42 22.20
N THR F 64 11.32 8.09 22.81
CA THR F 64 11.76 9.45 22.46
C THR F 64 13.07 9.37 21.72
N PHE F 65 13.51 8.15 21.42
CA PHE F 65 14.76 7.96 20.65
C PHE F 65 14.48 7.64 19.19
N ILE F 66 15.28 8.24 18.31
CA ILE F 66 15.09 8.08 16.87
C ILE F 66 16.40 7.81 16.14
N ALA F 67 16.39 6.94 15.13
CA ALA F 67 17.48 6.90 14.17
C ALA F 67 16.87 6.90 12.77
N PHE F 68 17.43 7.68 11.85
CA PHE F 68 16.96 7.71 10.45
C PHE F 68 18.06 7.98 9.46
N SER F 69 17.81 7.54 8.21
CA SER F 69 18.76 7.36 7.13
C SER F 69 18.27 7.96 5.82
N VAL F 70 19.21 8.59 5.11
CA VAL F 70 18.98 9.24 3.81
C VAL F 70 20.15 8.89 2.86
N GLY F 71 19.84 8.20 1.76
CA GLY F 71 20.80 8.10 0.64
C GLY F 71 20.66 9.32 -0.28
N TRP F 72 21.75 10.05 -0.49
CA TRP F 72 21.69 11.33 -1.25
C TRP F 72 21.58 11.22 -2.77
N ASN F 73 20.46 10.64 -3.19
CA ASN F 73 20.18 10.31 -4.57
C ASN F 73 18.66 10.14 -4.69
N ASN F 74 18.00 11.22 -5.07
CA ASN F 74 16.67 11.10 -5.66
C ASN F 74 17.07 11.21 -7.12
N SER F 75 16.22 10.85 -8.06
CA SER F 75 16.64 11.02 -9.45
C SER F 75 17.04 12.48 -9.89
N THR F 76 16.83 13.49 -9.03
CA THR F 76 17.15 14.86 -9.38
C THR F 76 18.64 15.19 -9.24
N GLU F 77 19.19 14.90 -8.07
CA GLU F 77 20.57 15.23 -7.74
C GLU F 77 21.19 14.10 -6.90
N ASN F 78 22.23 13.45 -7.46
CA ASN F 78 23.05 12.50 -6.70
C ASN F 78 24.39 13.06 -6.16
N CYS F 79 24.56 13.08 -4.84
CA CYS F 79 25.83 13.48 -4.23
C CYS F 79 26.80 12.35 -3.79
N ASN F 80 26.68 11.14 -4.36
CA ASN F 80 27.46 9.95 -3.94
C ASN F 80 27.77 9.93 -2.45
N SER F 81 26.78 9.54 -1.64
CA SER F 81 26.85 9.70 -0.19
C SER F 81 25.54 9.38 0.54
N ALA F 82 25.67 9.05 1.82
CA ALA F 82 24.52 8.75 2.67
C ALA F 82 24.75 9.43 4.00
N THR F 83 23.67 9.87 4.65
CA THR F 83 23.71 10.33 6.04
C THR F 83 22.78 9.49 6.94
N GLY F 84 23.28 9.19 8.14
CA GLY F 84 22.45 8.70 9.23
C GLY F 84 22.50 9.62 10.43
N TRP F 85 21.33 9.89 10.99
CA TRP F 85 21.18 10.69 12.18
C TRP F 85 20.65 9.78 13.29
N THR F 86 21.02 10.05 14.54
CA THR F 86 20.52 9.35 15.72
C THR F 86 20.33 10.38 16.77
N GLY F 87 19.25 10.29 17.55
CA GLY F 87 19.02 11.32 18.54
C GLY F 87 17.79 11.07 19.38
N TYR F 88 17.27 12.14 19.97
CA TYR F 88 16.16 12.03 20.89
C TYR F 88 15.39 13.33 20.92
N ALA F 89 14.12 13.23 21.28
CA ALA F 89 13.23 14.38 21.39
C ALA F 89 13.12 14.89 22.82
N GLN F 90 13.30 16.19 22.96
CA GLN F 90 13.14 16.92 24.22
C GLN F 90 12.39 18.23 23.96
N VAL F 91 12.19 19.03 25.02
CA VAL F 91 11.55 20.33 24.88
C VAL F 91 12.47 21.46 25.36
N ASN F 92 12.81 22.36 24.43
CA ASN F 92 13.72 23.48 24.66
C ASN F 92 13.28 24.65 23.78
N ASN F 94 10.52 25.22 25.41
CA ASN F 94 9.29 25.81 24.91
C ASN F 94 8.49 24.84 24.03
N ASN F 95 8.96 24.58 22.80
CA ASN F 95 8.33 23.57 21.92
C ASN F 95 9.21 22.34 21.64
N THR F 96 8.57 21.25 21.19
CA THR F 96 9.26 19.95 20.98
C THR F 96 10.37 20.02 19.93
N GLU F 97 11.49 19.36 20.24
CA GLU F 97 12.73 19.47 19.47
C GLU F 97 13.48 18.11 19.40
N ILE F 98 14.18 17.86 18.29
CA ILE F 98 14.95 16.63 18.15
C ILE F 98 16.42 16.97 18.16
N VAL F 99 17.14 16.46 19.16
CA VAL F 99 18.60 16.62 19.24
C VAL F 99 19.28 15.35 18.73
N THR F 100 20.22 15.53 17.80
CA THR F 100 20.78 14.42 17.05
C THR F 100 22.25 14.62 16.80
N SER F 101 22.93 13.53 16.46
CA SER F 101 24.25 13.55 15.88
C SER F 101 24.22 12.77 14.59
N TRP F 102 25.10 13.09 13.66
CA TRP F 102 25.02 12.50 12.33
C TRP F 102 26.36 12.17 11.78
N ASN F 103 26.36 11.23 10.86
CA ASN F 103 27.52 10.86 10.11
C ASN F 103 27.18 10.88 8.60
N LEU F 104 27.96 11.63 7.86
CA LEU F 104 27.87 11.69 6.42
C LEU F 104 29.02 10.89 5.81
N ALA F 105 28.73 9.79 5.13
CA ALA F 105 29.75 8.98 4.51
C ALA F 105 29.81 9.38 3.05
N TYR F 106 30.93 9.94 2.62
CA TYR F 106 31.01 10.50 1.28
C TYR F 106 32.27 10.20 0.51
N GLU F 107 32.16 10.34 -0.80
CA GLU F 107 33.29 10.39 -1.70
C GLU F 107 34.08 11.69 -1.46
N GLY F 108 35.15 11.58 -0.68
CA GLY F 108 36.15 12.63 -0.58
C GLY F 108 37.06 12.56 -1.80
N GLY F 109 37.95 13.54 -1.93
CA GLY F 109 38.88 13.60 -3.06
C GLY F 109 39.64 12.29 -3.25
N SER F 110 40.02 11.70 -2.12
CA SER F 110 40.61 10.36 -2.12
C SER F 110 39.63 9.35 -1.53
N GLY F 111 38.66 8.94 -2.35
CA GLY F 111 37.74 7.84 -2.03
C GLY F 111 36.80 8.13 -0.88
N PRO F 112 36.33 7.07 -0.20
CA PRO F 112 35.42 7.05 0.98
C PRO F 112 35.89 7.76 2.27
N ALA F 113 35.21 8.84 2.64
CA ALA F 113 35.43 9.54 3.89
C ALA F 113 34.25 9.28 4.83
N ILE F 114 34.15 10.06 5.93
CA ILE F 114 33.01 10.04 6.85
C ILE F 114 33.06 11.27 7.78
N GLU F 115 32.13 12.19 7.62
CA GLU F 115 32.11 13.41 8.44
C GLU F 115 31.11 13.28 9.57
N GLN F 116 31.39 13.96 10.67
CA GLN F 116 30.48 13.94 11.81
C GLN F 116 29.93 15.34 11.98
N GLY F 117 28.78 15.41 12.63
CA GLY F 117 28.19 16.68 13.00
C GLY F 117 27.02 16.47 13.94
N GLN F 118 26.40 17.56 14.35
CA GLN F 118 25.16 17.48 15.10
C GLN F 118 24.13 18.47 14.58
N ASP F 119 22.93 17.96 14.34
CA ASP F 119 21.76 18.76 13.94
C ASP F 119 20.77 18.84 15.09
N THR F 120 20.03 19.93 15.15
CA THR F 120 18.99 20.10 16.14
C THR F 120 17.75 20.58 15.40
N PHE F 121 16.71 19.73 15.42
CA PHE F 121 15.48 19.96 14.65
C PHE F 121 14.41 20.55 15.56
N GLN F 122 13.72 21.57 15.09
CA GLN F 122 12.62 22.20 15.81
C GLN F 122 11.28 21.86 15.17
N TYR F 123 10.35 21.36 15.98
CA TYR F 123 9.04 20.99 15.47
C TYR F 123 8.30 22.18 14.90
N VAL F 124 8.07 22.11 13.60
CA VAL F 124 7.43 23.17 12.81
C VAL F 124 5.94 22.88 12.75
N PRO F 125 5.13 23.70 13.44
CA PRO F 125 3.69 23.44 13.40
C PRO F 125 3.13 24.04 12.14
N THR F 126 2.29 23.27 11.46
CA THR F 126 1.85 23.62 10.12
C THR F 126 1.29 25.05 9.97
N THR F 127 1.82 25.74 8.96
CA THR F 127 1.30 27.05 8.54
C THR F 127 0.01 26.87 7.76
N GLU F 128 -0.92 27.77 8.03
CA GLU F 128 -2.12 27.89 7.25
C GLU F 128 -1.93 29.09 6.34
N ASN F 129 -1.68 28.83 5.06
CA ASN F 129 -1.44 29.87 4.08
C ASN F 129 -2.59 30.08 3.09
N LYS F 130 -2.61 31.24 2.42
CA LYS F 130 -3.58 31.50 1.37
C LYS F 130 -3.07 30.91 0.05
N SER F 131 -4.00 30.57 -0.82
CA SER F 131 -3.71 29.88 -2.07
C SER F 131 -3.10 30.81 -3.12
N LEU F 132 -3.85 31.87 -3.47
CA LEU F 132 -3.58 32.77 -4.61
C LEU F 132 -4.89 33.29 -5.23
N LYS F 134 -2.80 34.72 -9.57
CA LYS F 134 -1.44 34.38 -9.11
C LYS F 134 -0.62 35.64 -8.82
N ALA G 15 21.01 -7.69 -3.17
CA ALA G 15 19.89 -8.67 -3.42
C ALA G 15 19.34 -9.25 -2.11
N SER G 16 20.13 -10.12 -1.47
CA SER G 16 19.89 -10.61 -0.10
C SER G 16 21.22 -11.06 0.51
N SER G 17 21.44 -10.79 1.81
CA SER G 17 22.76 -11.03 2.43
C SER G 17 22.79 -11.20 3.95
N SER G 18 23.95 -11.65 4.45
CA SER G 18 24.25 -11.68 5.87
C SER G 18 25.64 -11.10 6.15
N TRP G 19 25.79 -10.45 7.30
CA TRP G 19 27.00 -9.71 7.64
C TRP G 19 27.24 -9.76 9.13
N GLN G 20 28.49 -9.98 9.53
CA GLN G 20 28.85 -10.02 10.95
C GLN G 20 29.97 -9.04 11.23
N ASN G 21 29.78 -8.21 12.26
CA ASN G 21 30.85 -7.34 12.72
C ASN G 21 31.76 -8.09 13.69
N GLN G 22 32.82 -7.41 14.13
CA GLN G 22 33.84 -8.03 14.97
C GLN G 22 33.29 -8.51 16.31
N SER G 23 32.28 -7.79 16.80
CA SER G 23 31.68 -8.02 18.11
C SER G 23 30.70 -9.17 18.10
N GLY G 24 30.62 -9.90 16.98
CA GLY G 24 29.69 -11.00 16.88
C GLY G 24 28.27 -10.63 16.49
N SER G 25 27.94 -9.34 16.56
CA SER G 25 26.62 -8.81 16.19
C SER G 25 26.34 -9.03 14.71
N THR G 26 25.10 -9.39 14.37
CA THR G 26 24.86 -9.90 13.02
C THR G 26 23.57 -9.43 12.34
N MET G 27 23.69 -8.99 11.08
CA MET G 27 22.55 -8.49 10.31
C MET G 27 22.23 -9.22 9.00
N ILE G 28 20.95 -9.16 8.63
CA ILE G 28 20.44 -9.74 7.39
C ILE G 28 19.72 -8.63 6.63
N ILE G 29 20.21 -8.31 5.43
CA ILE G 29 19.69 -7.17 4.66
C ILE G 29 19.21 -7.46 3.23
N GLN G 30 18.04 -6.92 2.91
CA GLN G 30 17.54 -6.95 1.54
C GLN G 30 17.65 -5.53 1.00
N VAL G 31 18.32 -5.41 -0.14
CA VAL G 31 18.38 -4.15 -0.89
C VAL G 31 17.55 -4.29 -2.17
N ASP G 32 16.51 -3.48 -2.29
CA ASP G 32 15.66 -3.44 -3.49
C ASP G 32 16.19 -2.55 -4.63
N SER G 33 15.40 -2.42 -5.67
CA SER G 33 15.68 -1.50 -6.79
C SER G 33 15.53 -0.01 -6.45
N PHE G 34 14.79 0.30 -5.38
CA PHE G 34 14.53 1.68 -4.94
C PHE G 34 15.56 2.23 -3.92
N GLY G 35 16.52 1.38 -3.54
CA GLY G 35 17.56 1.78 -2.58
C GLY G 35 17.19 1.67 -1.11
N ASN G 36 16.19 0.85 -0.80
CA ASN G 36 15.79 0.63 0.60
C ASN G 36 16.49 -0.56 1.11
N VAL G 37 17.01 -0.42 2.32
CA VAL G 37 17.56 -1.52 3.06
C VAL G 37 16.51 -1.98 4.06
N SER G 38 16.37 -3.30 4.17
CA SER G 38 15.33 -3.94 4.94
C SER G 38 16.01 -5.13 5.63
N GLY G 39 15.52 -5.51 6.81
CA GLY G 39 16.08 -6.69 7.46
C GLY G 39 16.12 -6.77 8.96
N GLN G 40 17.06 -7.55 9.47
CA GLN G 40 17.12 -7.85 10.89
C GLN G 40 18.51 -7.69 11.45
N TYR G 41 18.60 -7.43 12.75
CA TYR G 41 19.88 -7.30 13.41
C TYR G 41 19.76 -8.00 14.76
N VAL G 42 20.75 -8.83 15.06
CA VAL G 42 20.89 -9.46 16.38
C VAL G 42 22.16 -8.87 17.01
N ASN G 43 22.00 -8.22 18.15
CA ASN G 43 23.12 -7.57 18.84
C ASN G 43 23.86 -8.54 19.76
N ARG G 44 25.19 -8.53 19.70
CA ARG G 44 26.02 -9.35 20.62
C ARG G 44 27.15 -8.57 21.29
N ALA G 45 27.26 -7.27 21.01
CA ALA G 45 28.32 -6.51 21.61
C ALA G 45 28.28 -6.63 23.13
N GLN G 46 29.47 -6.90 23.66
CA GLN G 46 29.71 -7.08 25.09
C GLN G 46 29.31 -5.85 25.87
N GLY G 47 28.70 -6.03 27.03
CA GLY G 47 28.34 -4.89 27.90
C GLY G 47 27.21 -3.99 27.44
N THR G 48 26.45 -4.43 26.43
CA THR G 48 25.24 -3.70 25.98
C THR G 48 23.91 -4.36 26.44
N GLY G 49 22.79 -3.64 26.31
CA GLY G 49 21.47 -4.24 26.49
C GLY G 49 21.06 -4.96 25.21
N CYS G 50 19.84 -5.51 25.19
CA CYS G 50 19.21 -6.03 23.96
C CYS G 50 20.06 -6.96 23.09
N GLN G 51 20.71 -7.91 23.76
CA GLN G 51 21.51 -8.92 23.11
C GLN G 51 20.75 -10.19 22.65
N ASN G 52 21.28 -10.84 21.61
CA ASN G 52 20.80 -12.16 21.16
C ASN G 52 19.31 -12.32 20.74
N SER G 53 18.60 -11.23 20.44
CA SER G 53 17.26 -11.32 19.84
C SER G 53 17.17 -10.40 18.62
N PRO G 54 16.18 -10.65 17.73
CA PRO G 54 16.20 -9.90 16.46
C PRO G 54 15.49 -8.56 16.60
N TYR G 55 16.06 -7.55 15.95
CA TYR G 55 15.45 -6.21 15.87
C TYR G 55 15.39 -5.83 14.40
N PRO G 56 14.26 -5.24 13.98
CA PRO G 56 14.06 -4.75 12.61
C PRO G 56 15.09 -3.70 12.29
N LEU G 57 15.55 -3.76 11.05
CA LEU G 57 16.57 -2.90 10.50
C LEU G 57 16.02 -2.19 9.25
N THR G 58 16.27 -0.89 9.16
CA THR G 58 15.83 -0.13 8.01
C THR G 58 16.87 0.88 7.56
N GLY G 59 17.09 0.98 6.26
CA GLY G 59 18.07 1.94 5.76
C GLY G 59 17.92 2.40 4.34
N ARG G 60 18.90 3.18 3.91
CA ARG G 60 19.01 3.65 2.54
C ARG G 60 20.42 3.39 1.99
N VAL G 61 20.49 2.92 0.74
CA VAL G 61 21.77 2.76 0.04
C VAL G 61 21.96 3.85 -1.02
N ASN G 62 23.17 4.40 -1.10
CA ASN G 62 23.56 5.21 -2.25
C ASN G 62 24.90 4.78 -2.84
N GLY G 63 24.80 4.02 -3.93
CA GLY G 63 25.98 3.51 -4.60
C GLY G 63 26.68 2.61 -3.64
N THR G 64 27.91 2.96 -3.28
CA THR G 64 28.66 2.22 -2.29
C THR G 64 28.49 2.83 -0.90
N PHE G 65 27.55 3.74 -0.75
CA PHE G 65 27.29 4.34 0.57
C PHE G 65 26.00 3.76 1.16
N ILE G 66 25.94 3.68 2.48
CA ILE G 66 24.80 3.07 3.19
C ILE G 66 24.56 3.81 4.51
N ALA G 67 23.30 3.78 4.94
CA ALA G 67 22.94 4.26 6.25
C ALA G 67 21.75 3.40 6.67
N PHE G 68 21.90 2.71 7.80
CA PHE G 68 20.79 1.93 8.33
C PHE G 68 20.56 2.24 9.81
N SER G 69 19.31 2.04 10.24
CA SER G 69 18.84 2.34 11.57
C SER G 69 18.13 1.16 12.21
N VAL G 70 18.24 1.10 13.55
CA VAL G 70 17.65 0.09 14.42
C VAL G 70 17.14 0.76 15.72
N GLY G 71 15.88 0.49 16.09
CA GLY G 71 15.34 1.00 17.35
C GLY G 71 15.27 -0.18 18.29
N TRP G 72 15.73 -0.03 19.53
CA TRP G 72 15.96 -1.22 20.35
C TRP G 72 14.75 -1.70 21.13
N ASN G 73 13.75 -2.14 20.37
CA ASN G 73 12.50 -2.66 20.94
C ASN G 73 11.88 -3.78 20.11
N ASN G 74 11.56 -4.89 20.75
CA ASN G 74 11.06 -6.08 20.05
C ASN G 74 10.20 -7.07 20.86
N SER G 75 9.65 -6.66 22.01
CA SER G 75 8.71 -7.58 22.71
C SER G 75 9.43 -8.67 23.51
N THR G 76 10.68 -8.97 23.14
CA THR G 76 11.61 -9.67 24.02
C THR G 76 12.20 -8.66 25.01
N GLU G 77 12.91 -7.65 24.49
CA GLU G 77 13.60 -6.65 25.32
C GLU G 77 13.51 -5.23 24.77
N ASN G 78 13.17 -4.29 25.64
CA ASN G 78 13.19 -2.89 25.33
C ASN G 78 14.31 -2.13 26.05
N CYS G 79 15.27 -1.66 25.24
CA CYS G 79 16.43 -0.90 25.75
C CYS G 79 16.23 0.60 25.77
N ASN G 80 15.08 1.04 25.26
CA ASN G 80 14.72 2.45 25.24
C ASN G 80 15.81 3.27 24.55
N SER G 81 16.24 2.86 23.35
CA SER G 81 17.39 3.45 22.68
C SER G 81 17.34 3.16 21.17
N ALA G 82 18.14 3.87 20.37
CA ALA G 82 18.24 3.53 18.94
C ALA G 82 19.64 3.75 18.41
N THR G 83 20.01 3.02 17.36
CA THR G 83 21.28 3.20 16.69
C THR G 83 21.14 3.46 15.18
N GLY G 84 22.00 4.35 14.68
CA GLY G 84 22.17 4.60 13.27
C GLY G 84 23.59 4.38 12.79
N TRP G 85 23.75 3.53 11.80
CA TRP G 85 25.04 3.32 11.17
C TRP G 85 25.10 4.13 9.88
N THR G 86 26.18 4.89 9.70
CA THR G 86 26.47 5.51 8.40
C THR G 86 27.82 5.04 7.88
N GLY G 87 27.86 4.55 6.65
CA GLY G 87 29.11 4.10 6.07
C GLY G 87 29.17 3.81 4.57
N TYR G 88 30.02 2.83 4.24
CA TYR G 88 30.36 2.53 2.85
C TYR G 88 31.01 1.16 2.73
N ALA G 89 30.74 0.48 1.61
CA ALA G 89 31.37 -0.79 1.30
C ALA G 89 32.71 -0.55 0.60
N GLN G 90 33.66 -1.41 0.90
CA GLN G 90 35.02 -1.37 0.33
C GLN G 90 35.61 -2.78 0.36
N VAL G 91 36.08 -3.24 -0.81
CA VAL G 91 36.64 -4.59 -0.95
C VAL G 91 38.09 -4.63 -0.43
N ASN G 92 38.25 -5.17 0.77
CA ASN G 92 39.54 -5.22 1.48
C ASN G 92 40.35 -6.45 1.10
N GLY G 93 41.48 -6.22 0.44
CA GLY G 93 42.28 -7.29 -0.15
C GLY G 93 41.43 -8.06 -1.14
N ASN G 94 40.96 -9.24 -0.70
CA ASN G 94 40.07 -10.07 -1.49
C ASN G 94 38.70 -10.21 -0.82
N ASN G 95 38.64 -9.82 0.45
CA ASN G 95 37.38 -9.68 1.17
C ASN G 95 36.63 -8.39 0.77
N THR G 96 35.35 -8.32 1.16
CA THR G 96 34.56 -7.09 1.01
C THR G 96 33.98 -6.70 2.39
N GLU G 97 34.22 -5.46 2.81
CA GLU G 97 33.76 -5.00 4.13
C GLU G 97 32.97 -3.68 4.12
N ILE G 98 32.03 -3.55 5.07
CA ILE G 98 31.25 -2.32 5.23
C ILE G 98 31.79 -1.50 6.42
N VAL G 99 32.62 -0.52 6.10
CA VAL G 99 33.15 0.38 7.10
C VAL G 99 32.06 1.36 7.51
N THR G 100 31.66 1.30 8.77
CA THR G 100 30.57 2.13 9.28
C THR G 100 30.96 2.82 10.58
N SER G 101 30.54 4.08 10.72
CA SER G 101 30.50 4.73 12.01
C SER G 101 29.08 4.55 12.54
N TRP G 102 28.86 4.85 13.82
CA TRP G 102 27.55 4.75 14.41
C TRP G 102 27.39 5.65 15.61
N ASN G 103 26.14 6.00 15.91
CA ASN G 103 25.69 6.71 17.10
C ASN G 103 24.55 5.95 17.76
N LEU G 104 24.71 5.68 19.05
CA LEU G 104 23.69 5.07 19.86
C LEU G 104 23.10 6.19 20.66
N ALA G 105 21.79 6.39 20.58
CA ALA G 105 21.12 7.34 21.47
C ALA G 105 20.38 6.52 22.48
N TYR G 106 20.50 6.88 23.74
CA TYR G 106 19.99 6.08 24.82
C TYR G 106 19.70 6.97 26.02
N GLU G 107 18.88 6.45 26.91
CA GLU G 107 18.54 7.14 28.11
C GLU G 107 19.72 6.83 29.05
N GLY G 108 20.62 7.80 29.18
CA GLY G 108 21.80 7.69 30.04
C GLY G 108 21.47 8.05 31.48
N GLY G 109 22.48 7.92 32.35
CA GLY G 109 22.31 8.15 33.78
C GLY G 109 21.96 9.56 34.21
N SER G 110 22.31 10.55 33.39
CA SER G 110 21.98 11.95 33.69
C SER G 110 21.31 12.62 32.49
N GLY G 111 20.28 11.95 31.96
CA GLY G 111 19.54 12.37 30.77
C GLY G 111 19.86 11.53 29.54
N PRO G 112 19.07 11.68 28.46
CA PRO G 112 19.43 11.07 27.17
C PRO G 112 20.86 11.42 26.79
N ALA G 113 21.48 10.55 26.00
CA ALA G 113 22.85 10.78 25.56
C ALA G 113 23.10 10.03 24.26
N ILE G 114 24.24 10.30 23.64
CA ILE G 114 24.58 9.69 22.35
C ILE G 114 26.06 9.34 22.38
N GLU G 115 26.39 8.06 22.45
CA GLU G 115 27.78 7.66 22.37
C GLU G 115 28.04 7.33 20.92
N GLN G 116 29.32 7.15 20.55
CA GLN G 116 29.72 6.96 19.17
C GLN G 116 30.72 5.82 19.04
N GLY G 117 30.85 5.28 17.84
CA GLY G 117 31.73 4.15 17.66
C GLY G 117 31.87 3.78 16.22
N GLN G 118 32.61 2.71 15.95
CA GLN G 118 32.78 2.23 14.58
C GLN G 118 32.62 0.72 14.54
N ASP G 119 31.98 0.22 13.48
CA ASP G 119 31.89 -1.22 13.24
C ASP G 119 32.48 -1.54 11.89
N THR G 120 32.71 -2.82 11.64
CA THR G 120 33.09 -3.31 10.32
C THR G 120 32.49 -4.70 10.16
N PHE G 121 31.84 -4.94 9.03
CA PHE G 121 31.12 -6.19 8.84
C PHE G 121 31.76 -7.01 7.73
N GLN G 122 31.84 -8.32 7.95
CA GLN G 122 32.29 -9.21 6.90
C GLN G 122 31.09 -10.04 6.46
N TYR G 123 31.09 -10.45 5.19
CA TYR G 123 30.09 -11.40 4.69
C TYR G 123 30.06 -12.62 5.60
N VAL G 124 28.90 -13.28 5.73
CA VAL G 124 28.79 -14.43 6.63
C VAL G 124 28.97 -15.76 5.89
C11 BTN H . -12.43 8.47 -23.37
O11 BTN H . -13.39 8.64 -24.14
O12 BTN H . -11.27 8.77 -23.75
C10 BTN H . -12.65 7.92 -21.98
C9 BTN H . -13.97 8.44 -21.43
C8 BTN H . -13.76 9.71 -20.62
C7 BTN H . -15.06 10.17 -19.99
C2 BTN H . -15.02 11.68 -19.70
S1 BTN H . -13.83 12.00 -18.58
C6 BTN H . -14.72 13.47 -17.99
C5 BTN H . -16.21 13.31 -18.23
N1 BTN H . -16.85 12.79 -17.04
C3 BTN H . -17.31 11.56 -17.22
O3 BTN H . -17.97 10.79 -16.24
N2 BTN H . -17.06 11.16 -18.46
C4 BTN H . -16.39 12.18 -19.24
C11 BTN I . -1.71 26.79 -3.66
O11 BTN I . -1.20 27.89 -4.02
O12 BTN I . -2.88 26.79 -3.23
C10 BTN I . -0.91 25.52 -3.75
C9 BTN I . 0.21 25.70 -4.76
C8 BTN I . -0.34 25.98 -6.15
C7 BTN I . 0.62 25.49 -7.24
C2 BTN I . -0.04 25.58 -8.61
S1 BTN I . -0.75 24.13 -9.00
C6 BTN I . -0.53 24.41 -10.76
C5 BTN I . 0.66 25.33 -11.00
N1 BTN I . 1.85 24.54 -11.27
C3 BTN I . 2.73 24.63 -10.30
O3 BTN I . 3.98 23.97 -10.28
N2 BTN I . 2.29 25.46 -9.35
C4 BTN I . 0.99 26.00 -9.67
C11 BTN J . 1.21 -6.31 -4.60
O11 BTN J . 1.42 -5.19 -5.13
O12 BTN J . 2.18 -7.09 -4.44
C10 BTN J . -0.18 -6.72 -4.17
C9 BTN J . -0.75 -5.67 -3.24
C8 BTN J . -0.45 -6.00 -1.77
C7 BTN J . -1.04 -4.96 -0.84
C2 BTN J . -0.19 -4.80 0.41
S1 BTN J . -0.18 -6.23 1.26
C6 BTN J . 0.09 -5.36 2.83
C5 BTN J . -0.46 -3.95 2.74
N1 BTN J . -1.81 -3.92 3.29
C3 BTN J . -2.71 -3.68 2.35
O3 BTN J . -4.11 -3.61 2.57
N2 BTN J . -2.13 -3.51 1.17
C4 BTN J . -0.68 -3.64 1.26
C11 BTN K . 3.75 -21.32 20.37
O11 BTN K . 2.96 -22.18 19.90
O12 BTN K . 3.32 -20.51 21.22
C10 BTN K . 5.18 -21.27 19.89
C9 BTN K . 5.45 -22.42 18.93
C8 BTN K . 5.34 -21.95 17.48
C7 BTN K . 6.52 -22.46 16.66
C2 BTN K . 7.33 -21.30 16.10
S1 BTN K . 6.44 -20.50 14.94
C6 BTN K . 7.94 -19.97 14.07
C5 BTN K . 9.08 -20.95 14.34
N1 BTN K . 9.15 -21.91 13.27
C3 BTN K . 8.82 -23.13 13.68
O3 BTN K . 8.77 -24.28 12.86
N2 BTN K . 8.53 -23.12 14.97
C4 BTN K . 8.67 -21.79 15.54
C11 BTN L . -30.36 -5.35 -5.58
O11 BTN L . -30.76 -4.21 -5.92
O12 BTN L . -31.04 -6.03 -4.79
C10 BTN L . -29.05 -5.90 -6.14
C9 BTN L . -29.35 -6.74 -7.38
C8 BTN L . -28.14 -6.78 -8.30
C7 BTN L . -28.41 -6.03 -9.60
C2 BTN L . -29.13 -6.92 -10.60
S1 BTN L . -29.00 -8.51 -10.13
C6 BTN L . -29.12 -9.09 -11.84
C5 BTN L . -28.63 -8.02 -12.80
N1 BTN L . -27.24 -8.25 -13.12
C3 BTN L . -26.45 -7.31 -12.61
O3 BTN L . -25.04 -7.28 -12.75
N2 BTN L . -27.16 -6.40 -11.97
C4 BTN L . -28.58 -6.70 -12.01
C11 BTN M . 25.69 15.72 0.42
O11 BTN M . 26.80 15.25 0.10
O12 BTN M . 24.65 15.07 0.16
C10 BTN M . 25.59 17.07 1.11
C9 BTN M . 24.27 17.16 1.85
C8 BTN M . 24.40 16.64 3.27
C7 BTN M . 23.64 17.53 4.26
C2 BTN M . 24.12 17.30 5.68
S1 BTN M . 23.55 15.83 6.24
C6 BTN M . 23.57 16.42 7.95
C5 BTN M . 23.41 17.92 8.00
N1 BTN M . 22.01 18.26 8.20
C3 BTN M . 21.49 18.84 7.13
O3 BTN M . 20.15 19.27 7.02
N2 BTN M . 22.40 18.97 6.17
C4 BTN M . 23.69 18.45 6.59
C11 BTN N . 21.47 -0.87 23.95
O11 BTN N . 22.43 -1.44 24.53
O12 BTN N . 20.91 0.17 24.42
C10 BTN N . 21.01 -1.47 22.68
C9 BTN N . 22.07 -2.33 22.00
C8 BTN N . 23.22 -1.50 21.47
C7 BTN N . 24.14 -2.35 20.58
C2 BTN N . 25.20 -1.47 19.96
S1 BTN N . 24.65 -0.72 18.54
C6 BTN N . 26.34 -0.17 18.28
C5 BTN N . 27.22 -1.37 18.61
N1 BTN N . 27.25 -2.22 17.47
C3 BTN N . 26.84 -3.44 17.74
O3 BTN N . 27.05 -4.55 16.88
N2 BTN N . 26.30 -3.46 18.95
C4 BTN N . 26.49 -2.20 19.64
#